data_1Z3U
#
_entry.id   1Z3U
#
_cell.length_a   140.218
_cell.length_b   94.468
_cell.length_c   84.673
_cell.angle_alpha   90.00
_cell.angle_beta   94.47
_cell.angle_gamma   90.00
#
_symmetry.space_group_name_H-M   'C 1 2 1'
#
loop_
_entity.id
_entity.type
_entity.pdbx_description
1 polymer Angiopoietin-2
2 non-polymer 'CALCIUM ION'
3 water water
#
_entity_poly.entity_id   1
_entity_poly.type   'polypeptide(L)'
_entity_poly.pdbx_seq_one_letter_code
;SFRDCAEVFKSGHTTNGIYTLTFPNSTEEIKAYCDMEAGGGGWTIIQRREDGSVDFQRTWKEYKVGFGNPSGEYWLGNEF
VSQLTNQQRYVLKIHLKDWEGNEAYSLYEHFYLSSEELNYRIHLKGLTGTAGKISSISQPGNDFSTKDGDNDKCICKCSQ
MLTGGWWFDACGPSNLNGMYYPQRQNTNKANGIKWAAWKGSGYSLKATTMMIRPADF
;
_entity_poly.pdbx_strand_id   A,B,C,D
#
loop_
_chem_comp.id
_chem_comp.type
_chem_comp.name
_chem_comp.formula
CA non-polymer 'CALCIUM ION' 'Ca 2'
#
# COMPACT_ATOMS: atom_id res chain seq x y z
N SER A 1 0.24 -65.39 -12.50
CA SER A 1 -1.09 -64.70 -12.41
C SER A 1 -2.23 -65.73 -12.39
N PHE A 2 -3.23 -65.47 -11.56
CA PHE A 2 -4.38 -66.36 -11.45
C PHE A 2 -5.62 -65.67 -11.98
N ARG A 3 -6.48 -66.41 -12.66
CA ARG A 3 -7.69 -65.80 -13.18
C ARG A 3 -8.87 -65.97 -12.21
N ASP A 4 -8.77 -66.95 -11.32
CA ASP A 4 -9.84 -67.18 -10.34
C ASP A 4 -9.34 -67.82 -9.07
N CYS A 5 -10.24 -68.05 -8.13
CA CYS A 5 -9.88 -68.64 -6.86
C CYS A 5 -9.59 -70.15 -6.93
N ALA A 6 -9.94 -70.77 -8.05
CA ALA A 6 -9.70 -72.19 -8.22
C ALA A 6 -8.23 -72.35 -8.59
N GLU A 7 -7.80 -71.53 -9.54
CA GLU A 7 -6.43 -71.51 -10.03
C GLU A 7 -5.48 -71.30 -8.85
N VAL A 8 -5.89 -70.42 -7.95
CA VAL A 8 -5.13 -70.09 -6.76
C VAL A 8 -5.08 -71.32 -5.85
N PHE A 9 -6.21 -72.00 -5.70
CA PHE A 9 -6.30 -73.19 -4.86
C PHE A 9 -5.43 -74.33 -5.43
N LYS A 10 -5.55 -74.58 -6.72
CA LYS A 10 -4.79 -75.63 -7.38
C LYS A 10 -3.30 -75.33 -7.51
N SER A 11 -2.84 -74.27 -6.87
CA SER A 11 -1.43 -73.90 -6.93
C SER A 11 -0.85 -73.92 -5.52
N GLY A 12 -1.60 -74.45 -4.57
CA GLY A 12 -1.10 -74.52 -3.21
C GLY A 12 -1.80 -73.68 -2.16
N HIS A 13 -2.36 -72.54 -2.53
CA HIS A 13 -3.03 -71.69 -1.55
C HIS A 13 -4.42 -72.23 -1.20
N THR A 14 -4.49 -72.91 -0.07
CA THR A 14 -5.74 -73.50 0.38
C THR A 14 -6.26 -72.84 1.66
N THR A 15 -6.02 -71.54 1.79
CA THR A 15 -6.47 -70.80 2.97
C THR A 15 -7.39 -69.63 2.62
N ASN A 16 -8.45 -69.44 3.42
CA ASN A 16 -9.39 -68.35 3.19
C ASN A 16 -8.72 -67.00 3.18
N GLY A 17 -9.08 -66.15 2.23
CA GLY A 17 -8.48 -64.84 2.15
C GLY A 17 -8.61 -64.12 0.82
N ILE A 18 -8.20 -62.86 0.82
CA ILE A 18 -8.26 -62.03 -0.38
C ILE A 18 -7.07 -62.35 -1.25
N TYR A 19 -7.31 -62.52 -2.54
CA TYR A 19 -6.25 -62.84 -3.48
C TYR A 19 -6.31 -61.90 -4.67
N THR A 20 -5.19 -61.76 -5.36
CA THR A 20 -5.14 -60.88 -6.51
C THR A 20 -5.29 -61.72 -7.75
N LEU A 21 -6.38 -61.50 -8.46
CA LEU A 21 -6.63 -62.22 -9.70
C LEU A 21 -6.32 -61.23 -10.80
N THR A 22 -6.16 -61.71 -12.03
CA THR A 22 -5.89 -60.81 -13.13
C THR A 22 -6.81 -61.19 -14.29
N PHE A 23 -7.34 -60.17 -14.98
CA PHE A 23 -8.24 -60.41 -16.11
C PHE A 23 -7.57 -61.37 -17.08
N PRO A 24 -8.36 -62.22 -17.75
CA PRO A 24 -7.90 -63.21 -18.72
C PRO A 24 -6.51 -63.06 -19.36
N ASN A 25 -6.46 -62.68 -20.62
CA ASN A 25 -5.18 -62.51 -21.30
C ASN A 25 -4.71 -61.08 -21.08
N SER A 26 -5.11 -60.50 -19.96
CA SER A 26 -4.79 -59.12 -19.68
C SER A 26 -3.78 -58.90 -18.59
N THR A 27 -3.43 -57.62 -18.42
CA THR A 27 -2.48 -57.21 -17.42
C THR A 27 -3.21 -56.65 -16.20
N GLU A 28 -4.44 -56.19 -16.41
CA GLU A 28 -5.28 -55.61 -15.36
C GLU A 28 -5.55 -56.59 -14.20
N GLU A 29 -5.53 -56.06 -12.98
CA GLU A 29 -5.75 -56.87 -11.79
C GLU A 29 -7.02 -56.53 -11.04
N ILE A 30 -7.37 -57.42 -10.12
CA ILE A 30 -8.57 -57.26 -9.32
C ILE A 30 -8.49 -58.17 -8.10
N LYS A 31 -8.88 -57.65 -6.93
CA LYS A 31 -8.86 -58.45 -5.71
C LYS A 31 -10.23 -59.01 -5.33
N ALA A 32 -10.27 -60.33 -5.15
CA ALA A 32 -11.51 -61.02 -4.79
C ALA A 32 -11.27 -61.86 -3.55
N TYR A 33 -12.32 -62.15 -2.80
CA TYR A 33 -12.15 -62.97 -1.62
C TYR A 33 -12.32 -64.42 -2.08
N CYS A 34 -11.41 -65.28 -1.63
CA CYS A 34 -11.46 -66.69 -2.02
C CYS A 34 -11.93 -67.61 -0.90
N ASP A 35 -13.03 -68.32 -1.12
CA ASP A 35 -13.49 -69.26 -0.11
C ASP A 35 -12.83 -70.59 -0.46
N MET A 36 -11.81 -70.93 0.31
CA MET A 36 -11.02 -72.15 0.08
C MET A 36 -11.30 -73.23 1.11
N GLU A 37 -11.94 -72.85 2.21
CA GLU A 37 -12.21 -73.79 3.28
C GLU A 37 -13.64 -74.31 3.36
N ALA A 38 -14.27 -74.52 2.20
CA ALA A 38 -15.64 -75.01 2.19
C ALA A 38 -16.08 -75.47 0.80
N GLY A 39 -16.87 -76.54 0.78
CA GLY A 39 -17.35 -77.08 -0.49
C GLY A 39 -16.24 -77.61 -1.37
N GLY A 40 -15.03 -77.66 -0.83
CA GLY A 40 -13.90 -78.13 -1.59
C GLY A 40 -12.98 -76.96 -1.93
N GLY A 41 -13.46 -75.75 -1.62
CA GLY A 41 -12.68 -74.56 -1.88
C GLY A 41 -12.63 -74.17 -3.35
N GLY A 42 -11.76 -73.22 -3.66
CA GLY A 42 -11.62 -72.76 -5.04
C GLY A 42 -12.76 -71.82 -5.44
N TRP A 43 -13.49 -71.30 -4.46
CA TRP A 43 -14.61 -70.40 -4.71
C TRP A 43 -14.24 -68.90 -4.81
N THR A 44 -14.63 -68.25 -5.90
CA THR A 44 -14.38 -66.83 -6.09
C THR A 44 -15.69 -66.10 -5.73
N ILE A 45 -15.63 -65.25 -4.71
CA ILE A 45 -16.82 -64.53 -4.29
C ILE A 45 -17.06 -63.29 -5.15
N ILE A 46 -18.26 -63.19 -5.74
CA ILE A 46 -18.58 -62.05 -6.58
C ILE A 46 -19.47 -61.02 -5.88
N GLN A 47 -19.92 -61.33 -4.68
CA GLN A 47 -20.72 -60.41 -3.88
C GLN A 47 -20.92 -60.98 -2.49
N ARG A 48 -21.03 -60.09 -1.51
CA ARG A 48 -21.24 -60.48 -0.14
C ARG A 48 -21.99 -59.37 0.62
N ARG A 49 -22.90 -59.79 1.48
CA ARG A 49 -23.67 -58.93 2.36
C ARG A 49 -23.53 -59.71 3.67
N GLU A 50 -23.14 -59.04 4.74
CA GLU A 50 -22.94 -59.68 6.03
C GLU A 50 -23.29 -58.55 6.95
N ASP A 51 -22.91 -57.40 6.43
CA ASP A 51 -23.06 -56.07 6.97
C ASP A 51 -21.81 -55.44 7.55
N GLY A 52 -21.23 -54.62 6.69
CA GLY A 52 -20.06 -53.82 6.97
C GLY A 52 -20.52 -52.62 6.18
N SER A 53 -21.84 -52.57 6.01
CA SER A 53 -22.56 -51.54 5.27
C SER A 53 -21.74 -50.73 4.29
N VAL A 54 -21.93 -51.08 3.03
CA VAL A 54 -21.23 -50.49 1.90
C VAL A 54 -22.07 -49.56 1.02
N ASP A 55 -23.39 -49.69 1.09
CA ASP A 55 -24.27 -48.91 0.23
C ASP A 55 -24.08 -49.49 -1.15
N PHE A 56 -25.13 -50.14 -1.64
CA PHE A 56 -25.09 -50.76 -2.93
C PHE A 56 -25.82 -49.96 -3.98
N GLN A 57 -26.32 -48.80 -3.58
CA GLN A 57 -27.02 -47.91 -4.52
C GLN A 57 -25.95 -47.17 -5.33
N ARG A 58 -25.29 -47.92 -6.20
CA ARG A 58 -24.20 -47.41 -7.02
C ARG A 58 -24.51 -47.36 -8.51
N THR A 59 -23.64 -46.68 -9.23
CA THR A 59 -23.77 -46.49 -10.65
C THR A 59 -23.42 -47.70 -11.50
N TRP A 60 -23.78 -47.61 -12.77
CA TRP A 60 -23.49 -48.66 -13.72
C TRP A 60 -21.99 -48.97 -13.72
N LYS A 61 -21.16 -47.92 -13.81
CA LYS A 61 -19.71 -48.07 -13.84
C LYS A 61 -19.12 -48.71 -12.59
N GLU A 62 -19.71 -48.42 -11.45
CA GLU A 62 -19.24 -49.00 -10.22
C GLU A 62 -19.59 -50.49 -10.13
N TYR A 63 -20.71 -50.87 -10.73
CA TYR A 63 -21.11 -52.27 -10.73
C TYR A 63 -20.26 -52.97 -11.79
N LYS A 64 -19.81 -52.21 -12.78
CA LYS A 64 -18.99 -52.76 -13.85
C LYS A 64 -17.58 -53.07 -13.36
N VAL A 65 -17.00 -52.17 -12.57
CA VAL A 65 -15.65 -52.35 -12.09
C VAL A 65 -15.59 -52.96 -10.69
N GLY A 66 -16.69 -52.86 -9.96
CA GLY A 66 -16.74 -53.42 -8.61
C GLY A 66 -16.53 -52.38 -7.53
N PHE A 67 -16.98 -52.69 -6.31
CA PHE A 67 -16.83 -51.77 -5.18
C PHE A 67 -16.95 -52.50 -3.85
N GLY A 68 -16.55 -51.82 -2.78
CA GLY A 68 -16.60 -52.39 -1.45
C GLY A 68 -15.25 -53.01 -1.11
N ASN A 69 -15.13 -53.61 0.08
CA ASN A 69 -13.88 -54.23 0.46
C ASN A 69 -14.00 -55.76 0.42
N PRO A 70 -13.06 -56.43 -0.27
CA PRO A 70 -13.01 -57.88 -0.44
C PRO A 70 -13.05 -58.69 0.86
N SER A 71 -12.79 -58.04 1.99
CA SER A 71 -12.81 -58.73 3.28
C SER A 71 -14.17 -58.60 3.95
N GLY A 72 -14.98 -57.68 3.44
CA GLY A 72 -16.32 -57.46 3.96
C GLY A 72 -17.34 -57.48 2.84
N GLU A 73 -18.27 -56.53 2.85
CA GLU A 73 -19.30 -56.44 1.81
C GLU A 73 -18.73 -55.86 0.51
N TYR A 74 -19.07 -56.49 -0.62
CA TYR A 74 -18.58 -55.98 -1.90
C TYR A 74 -19.22 -56.61 -3.13
N TRP A 75 -18.90 -56.02 -4.28
CA TRP A 75 -19.36 -56.49 -5.56
C TRP A 75 -18.09 -56.57 -6.39
N LEU A 76 -17.73 -57.78 -6.84
CA LEU A 76 -16.51 -57.96 -7.60
C LEU A 76 -16.40 -57.12 -8.87
N GLY A 77 -17.46 -57.11 -9.67
CA GLY A 77 -17.43 -56.35 -10.90
C GLY A 77 -17.97 -57.15 -12.06
N ASN A 78 -18.92 -56.56 -12.77
CA ASN A 78 -19.55 -57.23 -13.92
C ASN A 78 -18.63 -57.51 -15.08
N GLU A 79 -17.71 -56.59 -15.37
CA GLU A 79 -16.83 -56.79 -16.51
C GLU A 79 -15.96 -58.02 -16.27
N PHE A 80 -15.29 -58.06 -15.13
CA PHE A 80 -14.42 -59.18 -14.78
C PHE A 80 -15.17 -60.49 -14.77
N VAL A 81 -16.36 -60.49 -14.20
CA VAL A 81 -17.15 -61.71 -14.11
C VAL A 81 -17.56 -62.17 -15.51
N SER A 82 -17.89 -61.24 -16.38
CA SER A 82 -18.31 -61.56 -17.75
C SER A 82 -17.21 -62.22 -18.53
N GLN A 83 -15.99 -61.72 -18.37
CA GLN A 83 -14.86 -62.29 -19.09
C GLN A 83 -14.56 -63.69 -18.53
N LEU A 84 -14.60 -63.87 -17.21
CA LEU A 84 -14.33 -65.19 -16.66
C LEU A 84 -15.34 -66.24 -17.11
N THR A 85 -16.63 -65.93 -16.94
CA THR A 85 -17.69 -66.87 -17.29
C THR A 85 -17.85 -67.17 -18.78
N ASN A 86 -17.25 -66.38 -19.64
CA ASN A 86 -17.34 -66.62 -21.09
C ASN A 86 -16.08 -67.36 -21.56
N GLN A 87 -15.12 -67.45 -20.66
CA GLN A 87 -13.85 -68.13 -20.95
C GLN A 87 -14.12 -69.63 -20.89
N GLN A 88 -14.60 -70.07 -19.72
CA GLN A 88 -14.92 -71.48 -19.49
C GLN A 88 -16.21 -71.56 -18.66
N ARG A 89 -16.73 -72.78 -18.51
CA ARG A 89 -17.96 -72.99 -17.75
C ARG A 89 -17.82 -72.86 -16.23
N TYR A 90 -18.72 -72.10 -15.63
CA TYR A 90 -18.72 -71.88 -14.19
C TYR A 90 -20.08 -72.16 -13.56
N VAL A 91 -20.06 -72.58 -12.30
CA VAL A 91 -21.27 -72.82 -11.56
C VAL A 91 -21.44 -71.56 -10.71
N LEU A 92 -22.67 -71.28 -10.30
CA LEU A 92 -22.94 -70.14 -9.41
C LEU A 92 -23.63 -70.70 -8.18
N LYS A 93 -23.12 -70.37 -7.00
CA LYS A 93 -23.68 -70.82 -5.74
C LYS A 93 -24.07 -69.59 -4.95
N ILE A 94 -25.34 -69.53 -4.57
CA ILE A 94 -25.87 -68.42 -3.80
C ILE A 94 -26.17 -68.90 -2.38
N HIS A 95 -25.44 -68.38 -1.40
CA HIS A 95 -25.64 -68.77 -0.02
C HIS A 95 -26.38 -67.66 0.73
N LEU A 96 -27.43 -68.03 1.46
CA LEU A 96 -28.21 -67.05 2.18
C LEU A 96 -28.35 -67.35 3.67
N LYS A 97 -28.59 -66.32 4.46
CA LYS A 97 -28.78 -66.48 5.89
C LYS A 97 -29.89 -65.55 6.33
N ASP A 98 -30.75 -66.03 7.21
CA ASP A 98 -31.84 -65.19 7.71
C ASP A 98 -31.48 -64.74 9.12
N TRP A 99 -32.40 -64.08 9.81
CA TRP A 99 -32.11 -63.60 11.16
C TRP A 99 -32.49 -64.59 12.26
N GLU A 100 -33.02 -65.74 11.89
CA GLU A 100 -33.43 -66.73 12.87
C GLU A 100 -32.37 -67.81 13.07
N GLY A 101 -31.28 -67.70 12.34
CA GLY A 101 -30.21 -68.69 12.47
C GLY A 101 -30.14 -69.70 11.34
N ASN A 102 -31.01 -69.55 10.34
CA ASN A 102 -31.07 -70.46 9.19
C ASN A 102 -30.22 -70.04 8.00
N GLU A 103 -29.78 -71.04 7.24
CA GLU A 103 -28.99 -70.85 6.04
C GLU A 103 -29.44 -71.84 4.97
N ALA A 104 -29.57 -71.38 3.73
CA ALA A 104 -29.97 -72.25 2.63
C ALA A 104 -29.12 -71.83 1.43
N TYR A 105 -29.19 -72.58 0.34
CA TYR A 105 -28.40 -72.23 -0.86
C TYR A 105 -29.06 -72.63 -2.18
N SER A 106 -28.71 -71.89 -3.23
CA SER A 106 -29.18 -72.19 -4.59
C SER A 106 -27.91 -72.40 -5.40
N LEU A 107 -27.93 -73.40 -6.27
CA LEU A 107 -26.78 -73.71 -7.11
C LEU A 107 -27.24 -73.84 -8.55
N TYR A 108 -26.49 -73.24 -9.46
CA TYR A 108 -26.80 -73.31 -10.88
C TYR A 108 -25.61 -73.99 -11.54
N GLU A 109 -25.87 -75.08 -12.27
CA GLU A 109 -24.79 -75.80 -12.93
C GLU A 109 -24.05 -74.86 -13.87
N HIS A 110 -24.77 -73.98 -14.55
CA HIS A 110 -24.13 -73.05 -15.49
C HIS A 110 -24.58 -71.62 -15.29
N PHE A 111 -23.58 -70.73 -15.25
CA PHE A 111 -23.82 -69.31 -15.06
C PHE A 111 -22.82 -68.51 -15.85
N TYR A 112 -23.32 -67.48 -16.53
CA TYR A 112 -22.46 -66.56 -17.27
C TYR A 112 -23.19 -65.23 -17.51
N LEU A 113 -22.42 -64.21 -17.83
CA LEU A 113 -22.95 -62.88 -18.05
C LEU A 113 -22.59 -62.46 -19.46
N SER A 114 -23.55 -61.88 -20.20
CA SER A 114 -23.21 -61.41 -21.53
C SER A 114 -22.26 -60.22 -21.37
N SER A 115 -21.80 -59.67 -22.49
CA SER A 115 -20.89 -58.53 -22.47
C SER A 115 -21.67 -57.26 -22.12
N GLU A 116 -20.95 -56.16 -21.93
CA GLU A 116 -21.58 -54.90 -21.58
C GLU A 116 -22.51 -54.42 -22.70
N GLU A 117 -22.21 -54.83 -23.93
CA GLU A 117 -23.03 -54.43 -25.06
C GLU A 117 -24.43 -55.04 -24.96
N LEU A 118 -24.56 -56.12 -24.19
CA LEU A 118 -25.87 -56.73 -23.98
C LEU A 118 -26.25 -56.53 -22.50
N ASN A 119 -25.74 -55.43 -21.93
CA ASN A 119 -26.03 -55.06 -20.56
C ASN A 119 -25.78 -56.12 -19.47
N TYR A 120 -24.77 -56.95 -19.69
CA TYR A 120 -24.37 -58.00 -18.76
C TYR A 120 -25.55 -58.91 -18.39
N ARG A 121 -26.38 -59.22 -19.38
CA ARG A 121 -27.55 -60.09 -19.20
C ARG A 121 -27.12 -61.40 -18.55
N ILE A 122 -27.80 -61.80 -17.48
CA ILE A 122 -27.43 -63.04 -16.82
C ILE A 122 -27.96 -64.28 -17.54
N HIS A 123 -27.26 -65.39 -17.39
CA HIS A 123 -27.65 -66.67 -18.00
C HIS A 123 -27.50 -67.77 -16.93
N LEU A 124 -28.61 -68.44 -16.61
CA LEU A 124 -28.64 -69.49 -15.59
C LEU A 124 -29.25 -70.79 -16.09
N LYS A 125 -28.68 -71.92 -15.63
CA LYS A 125 -29.20 -73.25 -16.00
C LYS A 125 -28.88 -74.29 -14.92
N GLY A 126 -29.73 -75.31 -14.81
CA GLY A 126 -29.51 -76.37 -13.84
C GLY A 126 -29.57 -76.01 -12.36
N LEU A 127 -30.76 -75.67 -11.89
CA LEU A 127 -30.94 -75.28 -10.50
C LEU A 127 -31.19 -76.42 -9.52
N THR A 128 -30.50 -76.38 -8.39
CA THR A 128 -30.68 -77.37 -7.33
C THR A 128 -30.53 -76.56 -6.05
N GLY A 129 -30.61 -77.21 -4.89
CA GLY A 129 -30.49 -76.46 -3.65
C GLY A 129 -31.71 -76.40 -2.76
N THR A 130 -31.54 -75.76 -1.61
CA THR A 130 -32.57 -75.64 -0.60
C THR A 130 -33.19 -74.27 -0.54
N ALA A 131 -32.80 -73.39 -1.45
CA ALA A 131 -33.35 -72.05 -1.43
C ALA A 131 -34.37 -71.83 -2.55
N GLY A 132 -35.03 -72.91 -2.96
CA GLY A 132 -36.03 -72.83 -4.00
C GLY A 132 -35.96 -73.92 -5.05
N LYS A 133 -37.12 -74.40 -5.49
CA LYS A 133 -37.21 -75.43 -6.52
C LYS A 133 -37.23 -74.70 -7.85
N ILE A 134 -37.43 -73.39 -7.77
CA ILE A 134 -37.46 -72.55 -8.95
C ILE A 134 -36.57 -71.32 -8.68
N SER A 135 -35.85 -70.87 -9.69
CA SER A 135 -34.95 -69.71 -9.57
C SER A 135 -35.61 -68.42 -9.10
N SER A 136 -35.00 -67.73 -8.14
CA SER A 136 -35.53 -66.46 -7.65
C SER A 136 -35.11 -65.33 -8.58
N ILE A 137 -34.30 -65.67 -9.57
CA ILE A 137 -33.83 -64.72 -10.58
C ILE A 137 -34.61 -65.10 -11.84
N SER A 138 -35.52 -64.24 -12.27
CA SER A 138 -36.36 -64.50 -13.46
C SER A 138 -35.66 -65.25 -14.57
N GLN A 139 -36.22 -66.39 -14.96
CA GLN A 139 -35.62 -67.19 -16.02
C GLN A 139 -35.57 -66.34 -17.27
N PRO A 140 -35.12 -66.90 -18.42
CA PRO A 140 -35.10 -65.88 -19.46
C PRO A 140 -34.43 -64.68 -18.77
N GLY A 141 -33.16 -64.90 -18.44
CA GLY A 141 -32.35 -63.91 -17.75
C GLY A 141 -32.45 -62.50 -18.28
N ASN A 142 -32.61 -61.56 -17.35
CA ASN A 142 -32.72 -60.16 -17.71
C ASN A 142 -31.37 -59.46 -17.82
N ASP A 143 -31.41 -58.27 -18.44
CA ASP A 143 -30.26 -57.42 -18.58
C ASP A 143 -29.98 -56.90 -17.19
N PHE A 144 -28.77 -56.45 -16.92
CA PHE A 144 -28.47 -55.89 -15.60
C PHE A 144 -28.96 -54.43 -15.55
N SER A 145 -29.51 -53.99 -14.42
CA SER A 145 -30.00 -52.62 -14.26
C SER A 145 -29.52 -51.90 -13.01
N THR A 146 -29.16 -50.62 -13.18
CA THR A 146 -28.70 -49.78 -12.08
C THR A 146 -29.54 -48.50 -12.07
N LYS A 147 -29.38 -47.66 -11.04
CA LYS A 147 -30.14 -46.43 -10.95
C LYS A 147 -29.99 -45.51 -12.15
N ASP A 148 -28.86 -45.60 -12.86
CA ASP A 148 -28.63 -44.77 -14.05
C ASP A 148 -28.62 -45.61 -15.35
N GLY A 149 -29.16 -46.83 -15.26
CA GLY A 149 -29.19 -47.71 -16.42
C GLY A 149 -30.38 -48.65 -16.36
N ASP A 150 -31.54 -48.14 -16.78
CA ASP A 150 -32.75 -48.93 -16.76
C ASP A 150 -32.81 -49.92 -17.92
N ASN A 151 -32.66 -51.20 -17.61
CA ASN A 151 -32.72 -52.23 -18.63
C ASN A 151 -33.63 -53.41 -18.21
N ASP A 152 -34.55 -53.14 -17.29
CA ASP A 152 -35.50 -54.17 -16.84
C ASP A 152 -36.66 -54.18 -17.84
N LYS A 153 -37.69 -54.98 -17.58
CA LYS A 153 -38.83 -55.04 -18.47
C LYS A 153 -40.07 -54.38 -17.85
N CYS A 154 -39.83 -53.41 -16.97
CA CYS A 154 -40.89 -52.66 -16.29
C CYS A 154 -41.02 -51.26 -16.88
N ILE A 155 -42.21 -50.69 -16.88
CA ILE A 155 -42.37 -49.32 -17.39
C ILE A 155 -41.61 -48.51 -16.36
N CYS A 156 -41.63 -49.05 -15.15
CA CYS A 156 -40.99 -48.46 -13.99
C CYS A 156 -39.50 -48.65 -13.98
N LYS A 157 -38.85 -48.04 -12.99
CA LYS A 157 -37.41 -48.13 -12.82
C LYS A 157 -37.15 -48.98 -11.58
N CYS A 158 -37.07 -50.30 -11.79
CA CYS A 158 -36.85 -51.26 -10.71
C CYS A 158 -35.68 -50.92 -9.81
N SER A 159 -34.54 -50.61 -10.39
CA SER A 159 -33.38 -50.30 -9.57
C SER A 159 -33.65 -49.15 -8.60
N GLN A 160 -34.40 -48.14 -9.04
CA GLN A 160 -34.68 -47.00 -8.18
C GLN A 160 -35.70 -47.37 -7.10
N MET A 161 -36.72 -48.14 -7.48
CA MET A 161 -37.74 -48.57 -6.53
C MET A 161 -37.17 -49.53 -5.48
N LEU A 162 -36.45 -50.57 -5.91
CA LEU A 162 -35.90 -51.55 -4.96
C LEU A 162 -34.49 -51.24 -4.43
N THR A 163 -33.72 -50.46 -5.19
CA THR A 163 -32.35 -50.05 -4.87
C THR A 163 -31.29 -51.11 -5.13
N GLY A 164 -30.16 -50.66 -5.67
CA GLY A 164 -29.04 -51.53 -6.00
C GLY A 164 -29.06 -52.00 -7.44
N GLY A 165 -28.01 -52.70 -7.85
CA GLY A 165 -27.95 -53.23 -9.20
C GLY A 165 -28.35 -54.70 -9.24
N TRP A 166 -29.20 -55.07 -10.18
CA TRP A 166 -29.63 -56.45 -10.26
C TRP A 166 -30.19 -56.75 -11.64
N TRP A 167 -30.47 -58.03 -11.89
CA TRP A 167 -31.04 -58.42 -13.16
C TRP A 167 -32.56 -58.43 -12.97
N PHE A 168 -33.11 -57.26 -12.66
CA PHE A 168 -34.53 -57.08 -12.44
C PHE A 168 -35.39 -57.42 -13.65
N ASP A 169 -36.58 -57.96 -13.41
CA ASP A 169 -37.48 -58.30 -14.50
C ASP A 169 -38.47 -57.13 -14.57
N ALA A 170 -39.67 -57.35 -14.04
CA ALA A 170 -40.68 -56.31 -13.94
C ALA A 170 -40.43 -56.25 -12.44
N CYS A 171 -39.13 -56.19 -12.18
CA CYS A 171 -38.47 -56.16 -10.90
C CYS A 171 -38.17 -57.62 -10.50
N GLY A 172 -39.18 -58.46 -10.30
CA GLY A 172 -38.91 -59.87 -9.99
C GLY A 172 -38.82 -60.35 -8.55
N PRO A 173 -38.52 -61.65 -8.35
CA PRO A 173 -38.41 -62.37 -7.07
C PRO A 173 -37.11 -62.21 -6.28
N SER A 174 -36.20 -61.35 -6.73
CA SER A 174 -34.96 -61.20 -5.98
C SER A 174 -34.20 -59.89 -6.20
N ASN A 175 -33.28 -59.66 -5.29
CA ASN A 175 -32.40 -58.51 -5.29
C ASN A 175 -31.54 -58.64 -4.04
N LEU A 176 -30.37 -59.24 -4.19
CA LEU A 176 -29.46 -59.42 -3.07
C LEU A 176 -28.64 -58.16 -2.84
N ASN A 177 -28.78 -57.20 -3.76
CA ASN A 177 -28.08 -55.93 -3.67
C ASN A 177 -29.03 -54.83 -3.16
N GLY A 178 -30.11 -55.23 -2.51
CA GLY A 178 -31.05 -54.25 -1.97
C GLY A 178 -30.55 -53.59 -0.69
N MET A 179 -31.40 -52.73 -0.10
CA MET A 179 -31.04 -52.03 1.13
C MET A 179 -31.02 -53.03 2.30
N TYR A 180 -30.01 -52.92 3.16
CA TYR A 180 -29.85 -53.80 4.31
C TYR A 180 -30.73 -53.34 5.47
N TYR A 181 -31.53 -54.23 6.02
CA TYR A 181 -32.40 -53.91 7.13
C TYR A 181 -32.00 -54.74 8.34
N PRO A 182 -32.00 -54.12 9.53
CA PRO A 182 -31.63 -54.80 10.78
C PRO A 182 -32.75 -55.76 11.19
N GLN A 183 -32.51 -56.54 12.22
CA GLN A 183 -33.55 -57.48 12.65
C GLN A 183 -34.74 -56.69 13.17
N ARG A 184 -35.93 -57.23 13.00
CA ARG A 184 -37.15 -56.56 13.44
C ARG A 184 -37.50 -55.36 12.59
N GLN A 185 -36.92 -55.34 11.39
CA GLN A 185 -37.15 -54.31 10.38
C GLN A 185 -36.94 -55.04 9.05
N ASN A 186 -36.91 -56.36 9.13
CA ASN A 186 -36.70 -57.22 7.99
C ASN A 186 -37.98 -57.76 7.35
N THR A 187 -39.13 -57.47 7.95
CA THR A 187 -40.38 -57.96 7.41
C THR A 187 -41.14 -56.93 6.57
N ASN A 188 -41.76 -57.41 5.51
CA ASN A 188 -42.53 -56.56 4.59
C ASN A 188 -41.73 -55.37 4.09
N LYS A 189 -40.67 -55.67 3.35
CA LYS A 189 -39.81 -54.63 2.78
C LYS A 189 -39.59 -54.95 1.30
N ALA A 190 -40.29 -54.26 0.42
CA ALA A 190 -40.16 -54.47 -1.02
C ALA A 190 -38.96 -53.64 -1.46
N ASN A 191 -38.05 -53.41 -0.52
CA ASN A 191 -36.85 -52.60 -0.73
C ASN A 191 -35.59 -53.31 -0.19
N GLY A 192 -35.77 -54.43 0.50
CA GLY A 192 -34.65 -55.13 1.09
C GLY A 192 -33.88 -56.16 0.27
N ILE A 193 -33.17 -57.01 0.98
CA ILE A 193 -32.36 -58.07 0.37
C ILE A 193 -33.26 -59.29 0.28
N LYS A 194 -33.89 -59.49 -0.88
CA LYS A 194 -34.79 -60.61 -1.02
C LYS A 194 -34.41 -61.73 -1.97
N TRP A 195 -34.91 -62.91 -1.63
CA TRP A 195 -34.73 -64.13 -2.39
C TRP A 195 -36.03 -64.87 -2.08
N ALA A 196 -37.04 -64.51 -2.87
CA ALA A 196 -38.41 -65.03 -2.78
C ALA A 196 -38.55 -66.50 -2.50
N ALA A 197 -38.00 -67.30 -3.40
CA ALA A 197 -38.05 -68.75 -3.30
C ALA A 197 -37.78 -69.31 -1.91
N TRP A 198 -36.94 -68.64 -1.12
CA TRP A 198 -36.62 -69.13 0.23
C TRP A 198 -37.47 -68.57 1.36
N LYS A 199 -37.45 -67.24 1.56
CA LYS A 199 -38.22 -66.61 2.65
C LYS A 199 -39.42 -65.79 2.20
N GLY A 200 -39.79 -65.89 0.94
CA GLY A 200 -40.92 -65.13 0.43
C GLY A 200 -40.52 -63.67 0.19
N SER A 201 -41.38 -62.92 -0.50
CA SER A 201 -41.09 -61.52 -0.74
C SER A 201 -41.37 -60.79 0.57
N GLY A 202 -40.67 -59.69 0.82
CA GLY A 202 -40.90 -58.98 2.07
C GLY A 202 -39.81 -59.20 3.10
N TYR A 203 -39.33 -60.43 3.23
CA TYR A 203 -38.27 -60.76 4.19
C TYR A 203 -36.93 -60.25 3.69
N SER A 204 -36.21 -59.50 4.52
CA SER A 204 -34.91 -58.99 4.12
C SER A 204 -33.84 -59.81 4.84
N LEU A 205 -33.02 -60.50 4.06
CA LEU A 205 -31.98 -61.38 4.61
C LEU A 205 -30.91 -60.69 5.45
N LYS A 206 -30.25 -61.49 6.29
CA LYS A 206 -29.19 -61.01 7.18
C LYS A 206 -27.83 -61.03 6.47
N ALA A 207 -27.65 -62.04 5.61
CA ALA A 207 -26.41 -62.16 4.88
C ALA A 207 -26.57 -62.96 3.61
N THR A 208 -25.74 -62.64 2.64
CA THR A 208 -25.75 -63.31 1.36
C THR A 208 -24.33 -63.36 0.83
N THR A 209 -24.09 -64.34 -0.02
CA THR A 209 -22.81 -64.50 -0.64
C THR A 209 -23.03 -65.20 -1.97
N MET A 210 -22.52 -64.59 -3.03
CA MET A 210 -22.62 -65.13 -4.38
C MET A 210 -21.21 -65.52 -4.76
N MET A 211 -21.01 -66.77 -5.15
CA MET A 211 -19.68 -67.23 -5.54
C MET A 211 -19.73 -68.13 -6.77
N ILE A 212 -18.62 -68.18 -7.49
CA ILE A 212 -18.54 -69.00 -8.70
C ILE A 212 -17.29 -69.87 -8.70
N ARG A 213 -17.33 -70.92 -9.51
CA ARG A 213 -16.23 -71.86 -9.63
C ARG A 213 -16.53 -72.71 -10.85
N PRO A 214 -15.50 -73.15 -11.57
CA PRO A 214 -15.75 -73.98 -12.75
C PRO A 214 -16.03 -75.42 -12.33
N ALA A 215 -16.05 -76.32 -13.30
CA ALA A 215 -16.25 -77.74 -13.00
C ALA A 215 -14.86 -78.31 -12.68
N ASP A 216 -14.38 -78.07 -11.45
CA ASP A 216 -13.05 -78.54 -11.02
C ASP A 216 -13.11 -79.70 -10.02
N SER B 1 25.48 46.59 -36.62
CA SER B 1 24.22 46.01 -36.08
C SER B 1 23.00 46.70 -36.70
N PHE B 2 21.91 45.95 -36.84
CA PHE B 2 20.66 46.45 -37.42
C PHE B 2 19.47 46.24 -36.48
N ARG B 3 18.55 47.20 -36.46
CA ARG B 3 17.37 47.09 -35.61
C ARG B 3 16.34 46.15 -36.21
N ASP B 4 16.14 46.25 -37.52
CA ASP B 4 15.17 45.41 -38.23
C ASP B 4 15.63 45.09 -39.64
N CYS B 5 14.81 44.35 -40.37
CA CYS B 5 15.12 43.95 -41.74
C CYS B 5 15.11 45.10 -42.74
N ALA B 6 14.43 46.18 -42.40
CA ALA B 6 14.37 47.35 -43.27
C ALA B 6 15.71 48.05 -43.22
N GLU B 7 16.30 48.06 -42.02
CA GLU B 7 17.59 48.68 -41.78
C GLU B 7 18.67 47.85 -42.47
N VAL B 8 18.47 46.53 -42.52
CA VAL B 8 19.40 45.62 -43.16
C VAL B 8 19.34 45.83 -44.67
N PHE B 9 18.13 46.03 -45.19
CA PHE B 9 17.92 46.25 -46.62
C PHE B 9 18.53 47.56 -47.12
N LYS B 10 18.16 48.68 -46.48
CA LYS B 10 18.67 49.98 -46.86
C LYS B 10 20.19 50.11 -46.74
N SER B 11 20.85 49.03 -46.34
CA SER B 11 22.30 49.07 -46.19
C SER B 11 23.01 48.25 -47.26
N GLY B 12 22.24 47.65 -48.17
CA GLY B 12 22.86 46.88 -49.23
C GLY B 12 22.54 45.41 -49.28
N HIS B 13 22.11 44.85 -48.15
CA HIS B 13 21.75 43.44 -48.12
C HIS B 13 20.32 43.35 -48.64
N THR B 14 20.17 42.95 -49.90
CA THR B 14 18.87 42.86 -50.55
C THR B 14 18.44 41.45 -50.98
N THR B 15 18.84 40.45 -50.22
CA THR B 15 18.46 39.07 -50.56
C THR B 15 17.76 38.35 -49.41
N ASN B 16 16.79 37.51 -49.73
CA ASN B 16 16.03 36.75 -48.74
C ASN B 16 16.94 35.91 -47.88
N GLY B 17 16.64 35.84 -46.59
CA GLY B 17 17.45 35.03 -45.70
C GLY B 17 17.45 35.46 -44.24
N ILE B 18 18.04 34.62 -43.42
CA ILE B 18 18.14 34.88 -41.99
C ILE B 18 19.18 35.97 -41.74
N TYR B 19 18.87 36.88 -40.82
CA TYR B 19 19.77 37.97 -40.47
C TYR B 19 19.78 38.16 -38.97
N THR B 20 20.82 38.81 -38.47
CA THR B 20 20.96 39.05 -37.04
C THR B 20 20.62 40.50 -36.71
N LEU B 21 19.60 40.68 -35.88
CA LEU B 21 19.17 42.01 -35.46
C LEU B 21 19.56 42.16 -34.00
N THR B 22 19.66 43.39 -33.53
CA THR B 22 20.01 43.58 -32.15
C THR B 22 18.92 44.41 -31.51
N PHE B 23 18.59 44.11 -30.26
CA PHE B 23 17.57 44.85 -29.54
C PHE B 23 17.96 46.33 -29.56
N PRO B 24 16.97 47.22 -29.72
CA PRO B 24 17.13 48.68 -29.77
C PRO B 24 18.47 49.25 -29.31
N ASN B 25 18.51 49.75 -28.08
CA ASN B 25 19.76 50.32 -27.57
C ASN B 25 20.45 49.28 -26.70
N SER B 26 20.44 48.05 -27.17
CA SER B 26 21.04 46.95 -26.42
C SER B 26 22.10 46.15 -27.16
N THR B 27 22.70 45.23 -26.43
CA THR B 27 23.74 44.37 -26.97
C THR B 27 23.16 43.02 -27.39
N GLU B 28 21.96 42.70 -26.89
CA GLU B 28 21.32 41.42 -27.19
C GLU B 28 20.94 41.28 -28.67
N GLU B 29 21.24 40.12 -29.23
CA GLU B 29 20.94 39.84 -30.64
C GLU B 29 19.78 38.88 -30.78
N ILE B 30 19.31 38.71 -32.00
CA ILE B 30 18.20 37.81 -32.26
C ILE B 30 18.15 37.54 -33.77
N LYS B 31 17.83 36.31 -34.15
CA LYS B 31 17.79 35.98 -35.57
C LYS B 31 16.41 35.92 -36.17
N ALA B 32 16.20 36.69 -37.24
CA ALA B 32 14.92 36.74 -37.95
C ALA B 32 15.10 36.63 -39.47
N TYR B 33 14.14 36.00 -40.13
CA TYR B 33 14.19 35.88 -41.58
C TYR B 33 13.70 37.20 -42.17
N CYS B 34 14.41 37.68 -43.18
CA CYS B 34 14.06 38.92 -43.84
C CYS B 34 13.51 38.62 -45.23
N ASP B 35 12.38 39.24 -45.57
CA ASP B 35 11.80 39.06 -46.90
C ASP B 35 12.18 40.35 -47.64
N MET B 36 13.25 40.25 -48.43
CA MET B 36 13.76 41.39 -49.16
C MET B 36 13.28 41.41 -50.60
N GLU B 37 12.76 40.30 -51.08
CA GLU B 37 12.29 40.23 -52.47
C GLU B 37 10.78 40.22 -52.65
N ALA B 38 10.10 41.11 -51.94
CA ALA B 38 8.65 41.19 -52.03
C ALA B 38 8.12 42.53 -51.57
N GLY B 39 7.16 43.07 -52.32
CA GLY B 39 6.56 44.33 -51.95
C GLY B 39 7.55 45.45 -51.67
N GLY B 40 8.78 45.32 -52.14
CA GLY B 40 9.76 46.36 -51.90
C GLY B 40 10.84 45.95 -50.92
N GLY B 41 10.67 44.80 -50.29
CA GLY B 41 11.65 44.32 -49.33
C GLY B 41 11.62 44.98 -47.96
N GLY B 42 12.64 44.72 -47.16
CA GLY B 42 12.73 45.30 -45.83
C GLY B 42 11.76 44.72 -44.81
N TRP B 43 11.13 43.61 -45.17
CA TRP B 43 10.16 42.95 -44.29
C TRP B 43 10.78 42.04 -43.22
N THR B 44 10.43 42.28 -41.95
CA THR B 44 10.92 41.46 -40.85
C THR B 44 9.80 40.50 -40.43
N ILE B 45 10.01 39.22 -40.69
CA ILE B 45 9.01 38.18 -40.36
C ILE B 45 8.93 37.83 -38.87
N ILE B 46 7.74 37.98 -38.28
CA ILE B 46 7.56 37.70 -36.85
C ILE B 46 6.90 36.35 -36.53
N GLN B 47 6.42 35.64 -37.55
CA GLN B 47 5.83 34.31 -37.39
C GLN B 47 5.70 33.67 -38.76
N ARG B 48 5.79 32.34 -38.82
CA ARG B 48 5.66 31.66 -40.10
C ARG B 48 5.21 30.20 -39.93
N ARG B 49 4.22 29.82 -40.74
CA ARG B 49 3.69 28.47 -40.77
C ARG B 49 3.68 28.13 -42.24
N GLU B 50 4.04 26.91 -42.58
CA GLU B 50 4.08 26.45 -43.96
C GLU B 50 4.22 24.94 -43.79
N ASP B 51 4.72 24.61 -42.61
CA ASP B 51 4.97 23.28 -42.11
C ASP B 51 6.38 22.74 -42.12
N GLY B 52 6.78 22.41 -40.91
CA GLY B 52 8.08 21.85 -40.61
C GLY B 52 7.81 21.51 -39.17
N SER B 53 6.51 21.47 -38.85
CA SER B 53 6.02 21.18 -37.51
C SER B 53 6.96 21.61 -36.40
N VAL B 54 6.64 22.75 -35.80
CA VAL B 54 7.40 23.35 -34.72
C VAL B 54 6.65 23.36 -33.39
N ASP B 55 5.41 22.88 -33.39
CA ASP B 55 4.63 22.87 -32.16
C ASP B 55 4.53 24.28 -31.56
N PHE B 56 3.39 24.93 -31.75
CA PHE B 56 3.19 26.28 -31.25
C PHE B 56 2.46 26.29 -29.92
N GLN B 57 2.39 25.13 -29.30
CA GLN B 57 1.77 24.99 -27.98
C GLN B 57 2.88 25.22 -26.96
N ARG B 58 3.30 26.48 -26.83
CA ARG B 58 4.39 26.85 -25.92
C ARG B 58 4.00 27.79 -24.78
N THR B 59 4.87 27.87 -23.78
CA THR B 59 4.64 28.70 -22.61
C THR B 59 4.72 30.19 -22.91
N TRP B 60 4.32 31.00 -21.94
CA TRP B 60 4.38 32.43 -22.08
C TRP B 60 5.81 32.87 -22.38
N LYS B 61 6.77 32.40 -21.58
CA LYS B 61 8.18 32.78 -21.75
C LYS B 61 8.74 32.39 -23.11
N GLU B 62 8.25 31.30 -23.66
CA GLU B 62 8.75 30.89 -24.97
C GLU B 62 8.24 31.85 -26.06
N TYR B 63 7.02 32.35 -25.89
CA TYR B 63 6.46 33.28 -26.84
C TYR B 63 7.07 34.66 -26.62
N LYS B 64 7.62 34.87 -25.43
CA LYS B 64 8.26 36.14 -25.08
C LYS B 64 9.62 36.27 -25.75
N VAL B 65 10.44 35.23 -25.63
CA VAL B 65 11.77 35.26 -26.20
C VAL B 65 11.81 34.84 -27.65
N GLY B 66 10.84 34.05 -28.07
CA GLY B 66 10.82 33.58 -29.46
C GLY B 66 11.23 32.12 -29.56
N PHE B 67 10.72 31.41 -30.55
CA PHE B 67 11.06 30.01 -30.76
C PHE B 67 10.93 29.57 -32.21
N GLY B 68 11.55 28.45 -32.53
CA GLY B 68 11.50 27.91 -33.88
C GLY B 68 12.76 28.22 -34.67
N ASN B 69 12.81 27.76 -35.91
CA ASN B 69 13.97 28.00 -36.75
C ASN B 69 13.68 29.12 -37.76
N PRO B 70 14.49 30.19 -37.73
CA PRO B 70 14.31 31.33 -38.64
C PRO B 70 14.16 30.95 -40.12
N SER B 71 14.62 29.75 -40.49
CA SER B 71 14.54 29.33 -41.89
C SER B 71 13.30 28.49 -42.18
N GLY B 72 12.50 28.26 -41.15
CA GLY B 72 11.26 27.51 -41.32
C GLY B 72 10.15 28.15 -40.51
N GLU B 73 9.38 27.35 -39.77
CA GLU B 73 8.31 27.88 -38.95
C GLU B 73 8.90 28.41 -37.65
N TYR B 74 8.45 29.60 -37.25
CA TYR B 74 8.92 30.20 -36.01
C TYR B 74 8.12 31.41 -35.56
N TRP B 75 8.34 31.78 -34.30
CA TRP B 75 7.73 32.93 -33.67
C TRP B 75 8.93 33.78 -33.24
N LEU B 76 9.05 34.98 -33.78
CA LEU B 76 10.18 35.83 -33.44
C LEU B 76 10.31 36.16 -31.95
N GLY B 77 9.23 36.62 -31.32
CA GLY B 77 9.28 36.96 -29.90
C GLY B 77 8.59 38.27 -29.54
N ASN B 78 7.63 38.20 -28.61
CA ASN B 78 6.88 39.38 -28.19
C ASN B 78 7.70 40.51 -27.59
N GLU B 79 8.73 40.20 -26.81
CA GLU B 79 9.51 41.27 -26.20
C GLU B 79 10.24 42.09 -27.26
N PHE B 80 10.86 41.41 -28.22
CA PHE B 80 11.60 42.07 -29.29
C PHE B 80 10.66 42.86 -30.22
N VAL B 81 9.56 42.22 -30.62
CA VAL B 81 8.60 42.87 -31.49
C VAL B 81 8.01 44.09 -30.79
N SER B 82 7.79 43.97 -29.48
CA SER B 82 7.22 45.03 -28.67
C SER B 82 8.14 46.24 -28.59
N GLN B 83 9.42 46.02 -28.27
CA GLN B 83 10.34 47.14 -28.20
C GLN B 83 10.43 47.83 -29.56
N LEU B 84 10.50 47.04 -30.63
CA LEU B 84 10.60 47.60 -31.96
C LEU B 84 9.42 48.50 -32.31
N THR B 85 8.21 47.96 -32.13
CA THR B 85 7.00 48.69 -32.51
C THR B 85 6.66 49.91 -31.68
N ASN B 86 7.29 50.06 -30.51
CA ASN B 86 7.05 51.23 -29.68
C ASN B 86 8.13 52.26 -29.96
N GLN B 87 9.18 51.82 -30.68
CA GLN B 87 10.30 52.67 -31.05
C GLN B 87 9.84 53.63 -32.14
N GLN B 88 9.33 53.06 -33.22
CA GLN B 88 8.83 53.84 -34.34
C GLN B 88 7.60 53.13 -34.91
N ARG B 89 6.89 53.79 -35.80
CA ARG B 89 5.68 53.22 -36.40
C ARG B 89 5.93 52.12 -37.44
N TYR B 90 5.34 50.96 -37.19
CA TYR B 90 5.45 49.83 -38.08
C TYR B 90 4.08 49.42 -38.60
N VAL B 91 4.09 48.81 -39.78
CA VAL B 91 2.90 48.31 -40.41
C VAL B 91 2.97 46.79 -40.16
N LEU B 92 1.85 46.08 -40.25
CA LEU B 92 1.85 44.63 -40.07
C LEU B 92 1.15 44.00 -41.27
N LYS B 93 1.83 43.09 -41.97
CA LYS B 93 1.23 42.43 -43.11
C LYS B 93 1.04 40.96 -42.79
N ILE B 94 -0.14 40.45 -43.08
CA ILE B 94 -0.44 39.06 -42.82
C ILE B 94 -0.77 38.36 -44.14
N HIS B 95 0.09 37.43 -44.52
CA HIS B 95 -0.07 36.69 -45.77
C HIS B 95 -0.50 35.28 -45.43
N LEU B 96 -1.64 34.86 -45.99
CA LEU B 96 -2.19 33.55 -45.72
C LEU B 96 -2.33 32.69 -46.96
N LYS B 97 -2.27 31.37 -46.78
CA LYS B 97 -2.40 30.46 -47.91
C LYS B 97 -3.35 29.33 -47.55
N ASP B 98 -4.22 28.96 -48.49
CA ASP B 98 -5.15 27.87 -48.21
C ASP B 98 -4.67 26.60 -48.93
N TRP B 99 -5.49 25.56 -48.91
CA TRP B 99 -5.10 24.31 -49.54
C TRP B 99 -5.54 24.13 -51.00
N GLU B 100 -6.13 25.17 -51.58
CA GLU B 100 -6.59 25.09 -52.97
C GLU B 100 -5.74 25.94 -53.91
N GLY B 101 -4.65 26.50 -53.40
CA GLY B 101 -3.80 27.33 -54.24
C GLY B 101 -4.08 28.83 -54.18
N ASN B 102 -4.80 29.27 -53.15
CA ASN B 102 -5.15 30.69 -52.98
C ASN B 102 -4.32 31.40 -51.92
N GLU B 103 -4.08 32.68 -52.12
CA GLU B 103 -3.36 33.50 -51.16
C GLU B 103 -4.09 34.84 -51.08
N ALA B 104 -4.06 35.45 -49.91
CA ALA B 104 -4.68 36.75 -49.69
C ALA B 104 -3.84 37.43 -48.62
N TYR B 105 -4.14 38.69 -48.31
CA TYR B 105 -3.37 39.39 -47.30
C TYR B 105 -4.16 40.50 -46.61
N SER B 106 -3.76 40.82 -45.39
CA SER B 106 -4.35 41.90 -44.61
C SER B 106 -3.18 42.78 -44.24
N LEU B 107 -3.40 44.08 -44.26
CA LEU B 107 -2.35 45.03 -43.94
C LEU B 107 -2.94 46.04 -42.96
N TYR B 108 -2.18 46.38 -41.93
CA TYR B 108 -2.60 47.33 -40.92
C TYR B 108 -1.59 48.45 -41.02
N GLU B 109 -2.07 49.67 -41.27
CA GLU B 109 -1.15 50.80 -41.41
C GLU B 109 -0.38 51.04 -40.12
N HIS B 110 -0.95 50.64 -38.99
CA HIS B 110 -0.25 50.80 -37.72
C HIS B 110 -0.36 49.57 -36.83
N PHE B 111 0.77 49.15 -36.27
CA PHE B 111 0.81 47.98 -35.41
C PHE B 111 1.87 48.05 -34.32
N TYR B 112 1.49 47.66 -33.11
CA TYR B 112 2.42 47.63 -32.01
C TYR B 112 1.86 46.82 -30.85
N LEU B 113 2.76 46.37 -29.99
CA LEU B 113 2.43 45.56 -28.84
C LEU B 113 2.76 46.37 -27.60
N SER B 114 2.02 46.15 -26.52
CA SER B 114 2.29 46.86 -25.28
C SER B 114 3.46 46.14 -24.61
N SER B 115 3.98 46.71 -23.54
CA SER B 115 5.08 46.10 -22.79
C SER B 115 4.54 44.80 -22.20
N GLU B 116 5.42 43.98 -21.62
CA GLU B 116 4.99 42.72 -21.01
C GLU B 116 4.03 42.97 -19.84
N GLU B 117 4.14 44.14 -19.21
CA GLU B 117 3.26 44.47 -18.09
C GLU B 117 1.80 44.34 -18.55
N LEU B 118 1.54 44.70 -19.80
CA LEU B 118 0.19 44.63 -20.34
C LEU B 118 -0.03 43.40 -21.21
N ASN B 119 0.59 42.29 -20.82
CA ASN B 119 0.45 41.03 -21.53
C ASN B 119 0.66 41.11 -23.04
N TYR B 120 1.50 42.04 -23.48
CA TYR B 120 1.79 42.20 -24.90
C TYR B 120 0.54 42.42 -25.76
N ARG B 121 -0.40 43.19 -25.21
CA ARG B 121 -1.67 43.52 -25.87
C ARG B 121 -1.46 44.10 -27.26
N ILE B 122 -2.20 43.56 -28.23
CA ILE B 122 -2.07 44.04 -29.59
C ILE B 122 -2.88 45.31 -29.89
N HIS B 123 -2.32 46.16 -30.75
CA HIS B 123 -2.96 47.41 -31.16
C HIS B 123 -2.92 47.46 -32.71
N LEU B 124 -4.08 47.59 -33.33
CA LEU B 124 -4.17 47.61 -34.78
C LEU B 124 -5.07 48.74 -35.30
N LYS B 125 -4.59 49.42 -36.34
CA LYS B 125 -5.34 50.51 -36.99
C LYS B 125 -5.09 50.53 -38.50
N GLY B 126 -6.14 50.72 -39.28
CA GLY B 126 -6.02 50.81 -40.73
C GLY B 126 -5.93 49.55 -41.56
N LEU B 127 -6.98 48.74 -41.55
CA LEU B 127 -7.01 47.51 -42.31
C LEU B 127 -7.31 47.69 -43.78
N THR B 128 -6.58 46.99 -44.63
CA THR B 128 -6.78 47.00 -46.08
C THR B 128 -6.46 45.58 -46.48
N GLY B 129 -6.59 45.27 -47.77
CA GLY B 129 -6.26 43.92 -48.18
C GLY B 129 -7.40 43.10 -48.71
N THR B 130 -7.06 41.89 -49.13
CA THR B 130 -7.98 40.93 -49.72
C THR B 130 -8.41 39.83 -48.77
N ALA B 131 -7.89 39.84 -47.56
CA ALA B 131 -8.25 38.80 -46.60
C ALA B 131 -9.29 39.26 -45.59
N GLY B 132 -10.20 40.12 -46.02
CA GLY B 132 -11.26 40.61 -45.14
C GLY B 132 -11.33 42.12 -45.05
N LYS B 133 -12.56 42.63 -45.04
CA LYS B 133 -12.80 44.07 -44.92
C LYS B 133 -12.95 44.36 -43.43
N ILE B 134 -12.98 43.28 -42.66
CA ILE B 134 -13.10 43.32 -41.21
C ILE B 134 -11.89 42.57 -40.63
N SER B 135 -11.29 43.10 -39.57
CA SER B 135 -10.12 42.49 -38.95
C SER B 135 -10.39 41.13 -38.30
N SER B 136 -9.62 40.12 -38.66
CA SER B 136 -9.82 38.79 -38.07
C SER B 136 -9.28 38.72 -36.64
N ILE B 137 -8.65 39.79 -36.21
CA ILE B 137 -8.12 39.92 -34.86
C ILE B 137 -9.02 40.94 -34.17
N SER B 138 -9.78 40.49 -33.16
CA SER B 138 -10.71 41.36 -32.43
C SER B 138 -10.22 42.79 -32.25
N GLN B 139 -11.04 43.75 -32.69
CA GLN B 139 -10.74 45.17 -32.61
C GLN B 139 -10.55 45.46 -31.13
N PRO B 140 -10.04 46.67 -30.78
CA PRO B 140 -9.87 46.77 -29.33
C PRO B 140 -9.15 45.48 -28.93
N GLY B 141 -7.93 45.36 -29.47
CA GLY B 141 -7.08 44.21 -29.26
C GLY B 141 -6.95 43.67 -27.85
N ASN B 142 -7.04 42.35 -27.74
CA ASN B 142 -6.93 41.67 -26.46
C ASN B 142 -5.48 41.45 -26.06
N ASP B 143 -5.28 41.07 -24.80
CA ASP B 143 -3.96 40.77 -24.28
C ASP B 143 -3.53 39.47 -24.98
N PHE B 144 -2.25 39.14 -24.90
CA PHE B 144 -1.77 37.91 -25.50
C PHE B 144 -2.00 36.81 -24.46
N SER B 145 -2.35 35.61 -24.91
CA SER B 145 -2.57 34.50 -23.99
C SER B 145 -1.87 33.24 -24.47
N THR B 146 -1.35 32.48 -23.52
CA THR B 146 -0.67 31.23 -23.81
C THR B 146 -1.32 30.17 -22.93
N LYS B 147 -0.86 28.92 -23.06
CA LYS B 147 -1.42 27.83 -22.28
C LYS B 147 -1.24 28.03 -20.77
N ASP B 148 -0.21 28.79 -20.39
CA ASP B 148 0.06 29.06 -18.97
C ASP B 148 -0.15 30.54 -18.67
N GLY B 149 -0.94 31.20 -19.50
CA GLY B 149 -1.23 32.62 -19.33
C GLY B 149 -2.59 32.97 -19.91
N ASP B 150 -3.61 32.86 -19.06
CA ASP B 150 -4.99 33.14 -19.44
C ASP B 150 -5.28 34.62 -19.27
N ASN B 151 -5.26 35.38 -20.37
CA ASN B 151 -5.54 36.82 -20.31
C ASN B 151 -6.62 37.18 -21.34
N ASP B 152 -7.38 36.20 -21.79
CA ASP B 152 -8.41 36.46 -22.78
C ASP B 152 -9.68 36.94 -22.07
N LYS B 153 -10.78 36.99 -22.80
CA LYS B 153 -12.04 37.45 -22.23
C LYS B 153 -13.13 36.40 -22.27
N CYS B 154 -12.73 35.16 -22.06
CA CYS B 154 -13.61 33.98 -22.04
C CYS B 154 -13.64 33.41 -20.63
N ILE B 155 -14.72 32.72 -20.29
CA ILE B 155 -14.80 32.09 -18.97
C ILE B 155 -13.79 30.96 -19.14
N CYS B 156 -13.68 30.53 -20.39
CA CYS B 156 -12.81 29.44 -20.80
C CYS B 156 -11.36 29.89 -21.00
N LYS B 157 -10.52 28.92 -21.35
CA LYS B 157 -9.10 29.18 -21.60
C LYS B 157 -8.84 28.95 -23.09
N CYS B 158 -9.07 29.98 -23.88
CA CYS B 158 -8.91 29.90 -25.32
C CYS B 158 -7.59 29.27 -25.77
N SER B 159 -6.49 29.60 -25.08
CA SER B 159 -5.20 29.03 -25.46
C SER B 159 -5.14 27.51 -25.28
N GLN B 160 -5.78 26.98 -24.24
CA GLN B 160 -5.75 25.53 -24.04
C GLN B 160 -6.75 24.83 -24.95
N MET B 161 -7.79 25.55 -25.35
CA MET B 161 -8.82 25.01 -26.24
C MET B 161 -8.39 25.02 -27.70
N LEU B 162 -8.07 26.21 -28.22
CA LEU B 162 -7.66 26.34 -29.62
C LEU B 162 -6.19 25.99 -29.83
N THR B 163 -5.43 25.95 -28.73
CA THR B 163 -3.99 25.63 -28.75
C THR B 163 -3.15 26.73 -29.39
N GLY B 164 -2.00 27.01 -28.79
CA GLY B 164 -1.11 28.04 -29.30
C GLY B 164 -1.27 29.35 -28.55
N GLY B 165 -0.39 30.31 -28.86
CA GLY B 165 -0.44 31.62 -28.21
C GLY B 165 -1.01 32.64 -29.19
N TRP B 166 -1.97 33.43 -28.72
CA TRP B 166 -2.61 34.43 -29.57
C TRP B 166 -3.29 35.52 -28.75
N TRP B 167 -3.70 36.58 -29.43
CA TRP B 167 -4.40 37.67 -28.75
C TRP B 167 -5.88 37.29 -28.82
N PHE B 168 -6.22 36.18 -28.18
CA PHE B 168 -7.60 35.67 -28.16
C PHE B 168 -8.55 36.65 -27.47
N ASP B 169 -9.81 36.60 -27.87
CA ASP B 169 -10.85 37.44 -27.26
C ASP B 169 -11.69 36.42 -26.49
N ALA B 170 -12.89 36.12 -26.96
CA ALA B 170 -13.70 35.10 -26.34
C ALA B 170 -13.30 34.05 -27.35
N CYS B 171 -11.98 34.04 -27.53
CA CYS B 171 -11.22 33.24 -28.47
C CYS B 171 -11.15 34.14 -29.71
N GLY B 172 -12.24 34.30 -30.44
CA GLY B 172 -12.16 35.22 -31.58
C GLY B 172 -12.10 34.66 -32.99
N PRO B 173 -12.07 35.53 -34.02
CA PRO B 173 -12.03 35.16 -35.43
C PRO B 173 -10.71 34.60 -35.97
N SER B 174 -9.68 34.52 -35.12
CA SER B 174 -8.39 34.02 -35.60
C SER B 174 -7.43 33.38 -34.58
N ASN B 175 -6.42 32.73 -35.16
CA ASN B 175 -5.33 32.07 -34.43
C ASN B 175 -4.42 31.39 -35.44
N LEU B 176 -3.39 32.12 -35.86
CA LEU B 176 -2.41 31.62 -36.82
C LEU B 176 -1.37 30.74 -36.14
N ASN B 177 -1.42 30.68 -34.81
CA ASN B 177 -0.48 29.85 -34.06
C ASN B 177 -1.18 28.59 -33.56
N GLY B 178 -2.20 28.16 -34.29
CA GLY B 178 -2.95 26.98 -33.91
C GLY B 178 -2.38 25.69 -34.46
N MET B 179 -3.17 24.62 -34.39
CA MET B 179 -2.76 23.30 -34.85
C MET B 179 -2.62 23.22 -36.38
N TYR B 180 -1.55 22.60 -36.85
CA TYR B 180 -1.34 22.43 -38.29
C TYR B 180 -1.99 21.13 -38.76
N TYR B 181 -2.84 21.23 -39.77
CA TYR B 181 -3.54 20.07 -40.33
C TYR B 181 -3.19 19.92 -41.81
N PRO B 182 -2.90 18.68 -42.26
CA PRO B 182 -2.56 18.48 -43.67
C PRO B 182 -3.83 18.54 -44.53
N GLN B 183 -3.67 18.55 -45.85
CA GLN B 183 -4.82 18.62 -46.73
C GLN B 183 -5.83 17.51 -46.45
N ARG B 184 -7.11 17.80 -46.67
CA ARG B 184 -8.17 16.82 -46.42
C ARG B 184 -8.32 16.53 -44.93
N GLN B 185 -8.06 17.56 -44.13
CA GLN B 185 -8.16 17.50 -42.67
C GLN B 185 -8.25 18.95 -42.21
N ASN B 186 -8.24 19.86 -43.18
CA ASN B 186 -8.27 21.30 -42.92
C ASN B 186 -9.62 22.01 -42.74
N THR B 187 -10.72 21.26 -42.64
CA THR B 187 -12.03 21.89 -42.44
C THR B 187 -12.72 21.42 -41.17
N ASN B 188 -13.67 22.23 -40.68
CA ASN B 188 -14.40 21.89 -39.48
C ASN B 188 -13.50 21.69 -38.26
N LYS B 189 -12.35 22.35 -38.24
CA LYS B 189 -11.43 22.23 -37.11
C LYS B 189 -11.31 23.55 -36.38
N ALA B 190 -11.97 23.66 -35.23
CA ALA B 190 -11.93 24.89 -34.44
C ALA B 190 -10.63 24.92 -33.65
N ASN B 191 -9.72 24.05 -34.05
CA ASN B 191 -8.43 23.87 -33.40
C ASN B 191 -7.23 24.22 -34.31
N GLY B 192 -7.53 24.51 -35.58
CA GLY B 192 -6.47 24.81 -36.53
C GLY B 192 -6.01 26.25 -36.69
N ILE B 193 -5.29 26.49 -37.78
CA ILE B 193 -4.75 27.81 -38.11
C ILE B 193 -5.85 28.59 -38.84
N LYS B 194 -6.60 29.40 -38.10
CA LYS B 194 -7.70 30.14 -38.70
C LYS B 194 -7.51 31.64 -38.87
N TRP B 195 -8.21 32.15 -39.88
CA TRP B 195 -8.28 33.56 -40.21
C TRP B 195 -9.65 33.61 -40.87
N ALA B 196 -10.66 33.47 -40.02
CA ALA B 196 -12.07 33.45 -40.39
C ALA B 196 -12.55 34.52 -41.37
N ALA B 197 -12.10 35.75 -41.22
CA ALA B 197 -12.53 36.80 -42.13
C ALA B 197 -12.30 36.43 -43.61
N TRP B 198 -11.36 35.53 -43.88
CA TRP B 198 -11.09 35.12 -45.26
C TRP B 198 -11.69 33.76 -45.61
N LYS B 199 -11.41 32.76 -44.79
CA LYS B 199 -11.90 31.41 -45.07
C LYS B 199 -12.99 30.92 -44.12
N GLY B 200 -13.43 31.76 -43.19
CA GLY B 200 -14.47 31.34 -42.26
C GLY B 200 -13.94 30.44 -41.15
N SER B 201 -14.64 30.43 -40.02
CA SER B 201 -14.23 29.61 -38.88
C SER B 201 -14.27 28.14 -39.24
N GLY B 202 -13.22 27.41 -38.85
CA GLY B 202 -13.19 25.98 -39.15
C GLY B 202 -12.15 25.61 -40.17
N TYR B 203 -11.87 26.51 -41.11
CA TYR B 203 -10.89 26.24 -42.14
C TYR B 203 -9.47 26.41 -41.56
N SER B 204 -8.60 25.43 -41.82
CA SER B 204 -7.22 25.44 -41.33
C SER B 204 -6.25 25.70 -42.49
N LEU B 205 -5.53 26.81 -42.41
CA LEU B 205 -4.59 27.23 -43.45
C LEU B 205 -3.39 26.34 -43.69
N LYS B 206 -2.79 26.50 -44.87
CA LYS B 206 -1.61 25.73 -45.27
C LYS B 206 -0.33 26.50 -44.92
N ALA B 207 -0.40 27.81 -45.00
CA ALA B 207 0.76 28.62 -44.69
C ALA B 207 0.35 30.02 -44.25
N THR B 208 1.13 30.59 -43.35
CA THR B 208 0.86 31.92 -42.87
C THR B 208 2.17 32.61 -42.56
N THR B 209 2.20 33.91 -42.77
CA THR B 209 3.38 34.67 -42.47
C THR B 209 2.93 36.06 -41.99
N MET B 210 3.52 36.51 -40.89
CA MET B 210 3.21 37.83 -40.34
C MET B 210 4.51 38.62 -40.39
N MET B 211 4.48 39.78 -41.03
CA MET B 211 5.69 40.58 -41.12
C MET B 211 5.45 42.06 -40.86
N ILE B 212 6.49 42.74 -40.39
CA ILE B 212 6.36 44.17 -40.11
C ILE B 212 7.47 44.94 -40.82
N ARG B 213 7.20 46.21 -41.06
CA ARG B 213 8.12 47.13 -41.71
C ARG B 213 7.62 48.54 -41.44
N PRO B 214 8.53 49.47 -41.10
CA PRO B 214 8.07 50.85 -40.84
C PRO B 214 7.66 51.55 -42.14
N ALA B 215 7.37 52.85 -42.07
CA ALA B 215 6.98 53.62 -43.26
C ALA B 215 8.19 54.05 -44.10
N ASP B 216 8.64 53.16 -45.00
CA ASP B 216 9.78 53.45 -45.87
C ASP B 216 9.36 53.32 -47.34
N SER C 1 63.74 -9.22 -5.41
CA SER C 1 63.21 -7.94 -5.97
C SER C 1 61.88 -7.52 -5.34
N PHE C 2 61.63 -6.20 -5.35
CA PHE C 2 60.42 -5.63 -4.81
C PHE C 2 59.88 -4.59 -5.79
N ARG C 3 58.57 -4.57 -5.97
CA ARG C 3 57.95 -3.61 -6.89
C ARG C 3 57.66 -2.25 -6.23
N ASP C 4 57.48 -2.25 -4.91
CA ASP C 4 57.21 -1.01 -4.18
C ASP C 4 57.58 -1.11 -2.71
N CYS C 5 57.43 -0.02 -1.98
CA CYS C 5 57.77 -0.01 -0.55
C CYS C 5 56.83 -0.84 0.32
N ALA C 6 55.66 -1.23 -0.21
CA ALA C 6 54.74 -2.05 0.56
C ALA C 6 55.27 -3.48 0.55
N GLU C 7 55.77 -3.91 -0.60
CA GLU C 7 56.33 -5.25 -0.74
C GLU C 7 57.58 -5.33 0.14
N VAL C 8 58.32 -4.23 0.19
CA VAL C 8 59.52 -4.16 1.02
C VAL C 8 59.14 -4.25 2.51
N PHE C 9 58.13 -3.50 2.92
CA PHE C 9 57.67 -3.50 4.30
C PHE C 9 57.19 -4.89 4.73
N LYS C 10 56.36 -5.51 3.89
CA LYS C 10 55.86 -6.83 4.21
C LYS C 10 56.96 -7.90 4.21
N SER C 11 58.10 -7.61 3.59
CA SER C 11 59.19 -8.58 3.58
C SER C 11 60.03 -8.43 4.85
N GLY C 12 59.55 -7.61 5.77
CA GLY C 12 60.27 -7.43 7.03
C GLY C 12 61.17 -6.21 7.17
N HIS C 13 61.39 -5.48 6.09
CA HIS C 13 62.23 -4.28 6.16
C HIS C 13 61.34 -3.13 6.63
N THR C 14 61.32 -2.94 7.95
CA THR C 14 60.47 -1.94 8.54
C THR C 14 61.14 -0.67 9.08
N THR C 15 62.23 -0.25 8.44
CA THR C 15 62.92 0.97 8.86
C THR C 15 63.00 1.97 7.71
N ASN C 16 62.75 3.24 8.01
CA ASN C 16 62.78 4.30 7.01
C ASN C 16 64.11 4.29 6.25
N GLY C 17 64.05 4.52 4.95
CA GLY C 17 65.28 4.54 4.18
C GLY C 17 65.10 4.39 2.68
N ILE C 18 66.22 4.34 1.98
CA ILE C 18 66.24 4.19 0.54
C ILE C 18 66.31 2.70 0.24
N TYR C 19 65.44 2.24 -0.64
CA TYR C 19 65.44 0.84 -1.02
C TYR C 19 65.45 0.76 -2.53
N THR C 20 66.01 -0.33 -3.03
CA THR C 20 66.07 -0.53 -4.47
C THR C 20 64.83 -1.31 -4.90
N LEU C 21 64.06 -0.72 -5.82
CA LEU C 21 62.87 -1.33 -6.36
C LEU C 21 63.15 -1.71 -7.83
N THR C 22 62.38 -2.62 -8.40
CA THR C 22 62.60 -2.99 -9.80
C THR C 22 61.28 -2.92 -10.57
N PHE C 23 61.32 -2.39 -11.78
CA PHE C 23 60.13 -2.28 -12.63
C PHE C 23 59.42 -3.64 -12.65
N PRO C 24 58.08 -3.63 -12.60
CA PRO C 24 57.22 -4.81 -12.60
C PRO C 24 57.76 -6.18 -13.08
N ASN C 25 57.63 -6.50 -14.36
CA ASN C 25 58.12 -7.79 -14.83
C ASN C 25 59.42 -7.49 -15.55
N SER C 26 60.22 -6.62 -14.95
CA SER C 26 61.46 -6.18 -15.56
C SER C 26 62.71 -6.37 -14.73
N THR C 27 63.85 -6.06 -15.34
CA THR C 27 65.14 -6.18 -14.70
C THR C 27 65.63 -4.79 -14.27
N GLU C 28 65.03 -3.75 -14.84
CA GLU C 28 65.38 -2.36 -14.55
C GLU C 28 65.11 -1.98 -13.09
N GLU C 29 66.09 -1.35 -12.46
CA GLU C 29 65.95 -0.97 -11.07
C GLU C 29 65.71 0.53 -10.95
N ILE C 30 65.42 0.98 -9.73
CA ILE C 30 65.18 2.39 -9.45
C ILE C 30 65.16 2.55 -7.94
N LYS C 31 65.71 3.65 -7.43
CA LYS C 31 65.73 3.85 -5.99
C LYS C 31 64.61 4.80 -5.55
N ALA C 32 64.08 4.57 -4.36
CA ALA C 32 63.01 5.40 -3.83
C ALA C 32 63.06 5.37 -2.31
N TYR C 33 62.65 6.45 -1.67
CA TYR C 33 62.64 6.46 -0.22
C TYR C 33 61.35 5.82 0.25
N CYS C 34 61.46 4.94 1.24
CA CYS C 34 60.32 4.23 1.82
C CYS C 34 60.00 4.75 3.22
N ASP C 35 58.79 5.23 3.43
CA ASP C 35 58.41 5.70 4.76
C ASP C 35 57.75 4.49 5.43
N MET C 36 58.46 3.84 6.34
CA MET C 36 57.95 2.64 6.99
C MET C 36 57.49 2.88 8.42
N GLU C 37 57.78 4.05 8.96
CA GLU C 37 57.44 4.33 10.35
C GLU C 37 56.35 5.33 10.61
N ALA C 38 55.45 5.52 9.65
CA ALA C 38 54.36 6.47 9.84
C ALA C 38 53.12 6.03 9.09
N GLY C 39 51.95 6.27 9.70
CA GLY C 39 50.70 5.91 9.07
C GLY C 39 50.63 4.51 8.49
N GLY C 40 51.15 3.52 9.21
CA GLY C 40 51.10 2.16 8.69
C GLY C 40 52.33 1.71 7.92
N GLY C 41 53.07 2.64 7.33
CA GLY C 41 54.26 2.24 6.60
C GLY C 41 53.98 1.67 5.21
N GLY C 42 55.05 1.22 4.55
CA GLY C 42 54.89 0.68 3.21
C GLY C 42 54.64 1.77 2.19
N TRP C 43 54.96 3.01 2.55
CA TRP C 43 54.76 4.15 1.65
C TRP C 43 55.91 4.34 0.68
N THR C 44 55.60 4.50 -0.61
CA THR C 44 56.64 4.74 -1.62
C THR C 44 56.58 6.22 -2.00
N ILE C 45 57.57 6.98 -1.61
CA ILE C 45 57.60 8.40 -1.92
C ILE C 45 57.91 8.67 -3.38
N ILE C 46 57.02 9.42 -4.05
CA ILE C 46 57.24 9.73 -5.46
C ILE C 46 57.73 11.16 -5.72
N GLN C 47 57.78 11.97 -4.67
CA GLN C 47 58.32 13.32 -4.80
C GLN C 47 58.50 13.91 -3.42
N ARG C 48 59.50 14.79 -3.28
CA ARG C 48 59.74 15.43 -2.00
C ARG C 48 60.39 16.79 -2.16
N ARG C 49 60.02 17.69 -1.24
CA ARG C 49 60.55 19.05 -1.17
C ARG C 49 60.57 19.37 0.32
N GLU C 50 61.62 20.04 0.77
CA GLU C 50 61.76 20.45 2.17
C GLU C 50 62.98 21.34 2.08
N ASP C 51 63.62 21.15 0.95
CA ASP C 51 64.80 21.84 0.48
C ASP C 51 66.20 21.29 0.62
N GLY C 52 66.71 20.94 -0.53
CA GLY C 52 68.05 20.44 -0.70
C GLY C 52 68.32 21.07 -2.05
N SER C 53 67.33 21.85 -2.51
CA SER C 53 67.36 22.53 -3.78
C SER C 53 67.94 21.67 -4.89
N VAL C 54 67.01 21.07 -5.65
CA VAL C 54 67.33 20.16 -6.73
C VAL C 54 66.94 20.68 -8.13
N ASP C 55 66.29 21.84 -8.21
CA ASP C 55 65.89 22.36 -9.53
C ASP C 55 64.90 21.41 -10.20
N PHE C 56 63.64 21.81 -10.21
CA PHE C 56 62.58 21.00 -10.81
C PHE C 56 62.16 21.51 -12.18
N GLN C 57 62.93 22.45 -12.71
CA GLN C 57 62.66 22.98 -14.05
C GLN C 57 63.39 22.05 -15.00
N ARG C 58 62.93 20.79 -15.02
CA ARG C 58 63.53 19.75 -15.84
C ARG C 58 62.73 19.42 -17.08
N THR C 59 63.36 18.67 -17.98
CA THR C 59 62.71 18.27 -19.23
C THR C 59 61.76 17.10 -19.04
N TRP C 60 60.96 16.85 -20.07
CA TRP C 60 60.03 15.75 -20.07
C TRP C 60 60.76 14.44 -19.69
N LYS C 61 61.85 14.15 -20.39
CA LYS C 61 62.61 12.93 -20.16
C LYS C 61 63.04 12.75 -18.71
N GLU C 62 63.52 13.84 -18.10
CA GLU C 62 63.95 13.77 -16.71
C GLU C 62 62.75 13.46 -15.82
N TYR C 63 61.60 14.06 -16.11
CA TYR C 63 60.41 13.77 -15.33
C TYR C 63 60.00 12.33 -15.63
N LYS C 64 60.35 11.84 -16.82
CA LYS C 64 60.00 10.47 -17.20
C LYS C 64 60.79 9.42 -16.43
N VAL C 65 62.11 9.56 -16.39
CA VAL C 65 63.00 8.61 -15.69
C VAL C 65 63.23 8.98 -14.23
N GLY C 66 63.03 10.26 -13.89
CA GLY C 66 63.23 10.69 -12.53
C GLY C 66 64.52 11.47 -12.30
N PHE C 67 64.54 12.29 -11.26
CA PHE C 67 65.70 13.09 -10.92
C PHE C 67 65.74 13.42 -9.43
N GLY C 68 66.88 13.93 -8.97
CA GLY C 68 67.03 14.28 -7.57
C GLY C 68 67.74 13.19 -6.78
N ASN C 69 67.74 13.33 -5.46
CA ASN C 69 68.39 12.35 -4.60
C ASN C 69 67.37 11.75 -3.64
N PRO C 70 67.23 10.40 -3.64
CA PRO C 70 66.28 9.70 -2.77
C PRO C 70 66.37 10.06 -1.27
N SER C 71 67.50 10.62 -0.84
CA SER C 71 67.65 10.99 0.56
C SER C 71 67.21 12.43 0.78
N GLY C 72 66.88 13.14 -0.30
CA GLY C 72 66.44 14.52 -0.19
C GLY C 72 65.30 14.81 -1.14
N GLU C 73 65.42 15.89 -1.90
CA GLU C 73 64.38 16.28 -2.84
C GLU C 73 64.49 15.47 -4.13
N TYR C 74 63.36 14.98 -4.65
CA TYR C 74 63.39 14.22 -5.89
C TYR C 74 62.03 13.97 -6.52
N TRP C 75 62.07 13.38 -7.71
CA TRP C 75 60.87 13.01 -8.47
C TRP C 75 61.20 11.59 -8.82
N LEU C 76 60.38 10.65 -8.37
CA LEU C 76 60.65 9.25 -8.62
C LEU C 76 60.76 8.91 -10.11
N GLY C 77 59.75 9.32 -10.87
CA GLY C 77 59.73 9.04 -12.30
C GLY C 77 58.34 8.63 -12.76
N ASN C 78 57.83 9.30 -13.80
CA ASN C 78 56.50 9.02 -14.33
C ASN C 78 56.34 7.62 -14.91
N GLU C 79 57.33 7.19 -15.69
CA GLU C 79 57.22 5.88 -16.31
C GLU C 79 57.07 4.79 -15.26
N PHE C 80 57.92 4.81 -14.24
CA PHE C 80 57.85 3.81 -13.19
C PHE C 80 56.53 3.93 -12.43
N VAL C 81 56.15 5.15 -12.07
CA VAL C 81 54.91 5.35 -11.32
C VAL C 81 53.70 4.93 -12.12
N SER C 82 53.77 5.14 -13.44
CA SER C 82 52.70 4.76 -14.34
C SER C 82 52.57 3.24 -14.36
N GLN C 83 53.68 2.54 -14.60
CA GLN C 83 53.62 1.08 -14.65
C GLN C 83 53.12 0.48 -13.35
N LEU C 84 53.47 1.08 -12.20
CA LEU C 84 53.01 0.56 -10.92
C LEU C 84 51.51 0.78 -10.73
N THR C 85 51.10 2.04 -10.74
CA THR C 85 49.68 2.37 -10.53
C THR C 85 48.71 1.76 -11.53
N ASN C 86 49.22 1.05 -12.55
CA ASN C 86 48.35 0.41 -13.53
C ASN C 86 48.33 -1.09 -13.30
N GLN C 87 49.14 -1.56 -12.36
CA GLN C 87 49.23 -2.98 -12.05
C GLN C 87 48.21 -3.37 -11.00
N GLN C 88 48.00 -2.47 -10.03
CA GLN C 88 47.05 -2.70 -8.95
C GLN C 88 46.60 -1.33 -8.47
N ARG C 89 45.61 -1.31 -7.57
CA ARG C 89 45.09 -0.05 -7.05
C ARG C 89 45.94 0.60 -5.96
N TYR C 90 46.36 1.83 -6.21
CA TYR C 90 47.16 2.59 -5.26
C TYR C 90 46.44 3.85 -4.80
N VAL C 91 46.82 4.31 -3.61
CA VAL C 91 46.29 5.51 -2.99
C VAL C 91 47.40 6.57 -3.14
N LEU C 92 47.03 7.84 -3.20
CA LEU C 92 48.03 8.89 -3.29
C LEU C 92 47.82 9.76 -2.07
N LYS C 93 48.86 9.89 -1.25
CA LYS C 93 48.76 10.72 -0.06
C LYS C 93 49.69 11.89 -0.26
N ILE C 94 49.16 13.10 -0.08
CA ILE C 94 49.95 14.30 -0.25
C ILE C 94 50.10 15.03 1.06
N HIS C 95 51.33 15.05 1.56
CA HIS C 95 51.62 15.69 2.83
C HIS C 95 52.20 17.07 2.58
N LEU C 96 51.64 18.09 3.22
CA LEU C 96 52.13 19.44 3.01
C LEU C 96 52.54 20.15 4.28
N LYS C 97 53.47 21.11 4.16
CA LYS C 97 53.97 21.87 5.31
C LYS C 97 54.23 23.33 4.95
N ASP C 98 53.75 24.27 5.77
CA ASP C 98 53.97 25.68 5.48
C ASP C 98 55.10 26.23 6.34
N TRP C 99 55.31 27.55 6.25
CA TRP C 99 56.37 28.22 6.98
C TRP C 99 56.03 28.69 8.39
N GLU C 100 54.79 28.48 8.82
CA GLU C 100 54.41 28.89 10.16
C GLU C 100 54.33 27.73 11.14
N GLY C 101 54.61 26.52 10.67
CA GLY C 101 54.58 25.36 11.53
C GLY C 101 53.37 24.45 11.33
N ASN C 102 52.53 24.77 10.35
CA ASN C 102 51.34 23.95 10.08
C ASN C 102 51.66 22.84 9.10
N GLU C 103 50.88 21.77 9.16
CA GLU C 103 51.04 20.63 8.28
C GLU C 103 49.66 19.98 8.06
N ALA C 104 49.31 19.74 6.82
CA ALA C 104 48.03 19.09 6.50
C ALA C 104 48.25 18.06 5.41
N TYR C 105 47.19 17.34 5.03
CA TYR C 105 47.32 16.34 3.99
C TYR C 105 46.04 16.13 3.17
N SER C 106 46.21 15.56 1.97
CA SER C 106 45.11 15.23 1.08
C SER C 106 45.30 13.76 0.76
N LEU C 107 44.21 13.02 0.71
CA LEU C 107 44.30 11.60 0.41
C LEU C 107 43.33 11.21 -0.71
N TYR C 108 43.81 10.50 -1.71
CA TYR C 108 42.95 10.07 -2.80
C TYR C 108 42.90 8.56 -2.73
N GLU C 109 41.70 7.98 -2.57
CA GLU C 109 41.56 6.54 -2.47
C GLU C 109 42.12 5.81 -3.68
N HIS C 110 42.01 6.42 -4.85
CA HIS C 110 42.56 5.82 -6.07
C HIS C 110 43.30 6.81 -6.96
N PHE C 111 44.54 6.47 -7.26
CA PHE C 111 45.39 7.29 -8.10
C PHE C 111 46.21 6.46 -9.08
N TYR C 112 46.29 6.94 -10.30
CA TYR C 112 47.10 6.27 -11.32
C TYR C 112 47.41 7.26 -12.44
N LEU C 113 48.40 6.91 -13.23
CA LEU C 113 48.85 7.74 -14.35
C LEU C 113 48.69 6.94 -15.64
N SER C 114 48.32 7.61 -16.73
CA SER C 114 48.21 6.95 -18.02
C SER C 114 49.63 6.70 -18.53
N SER C 115 49.76 6.02 -19.66
CA SER C 115 51.08 5.75 -20.22
C SER C 115 51.63 7.05 -20.82
N GLU C 116 52.82 6.99 -21.41
CA GLU C 116 53.43 8.17 -22.01
C GLU C 116 52.66 8.57 -23.28
N GLU C 117 51.96 7.61 -23.88
CA GLU C 117 51.18 7.89 -25.09
C GLU C 117 50.06 8.89 -24.77
N LEU C 118 49.64 8.93 -23.51
CA LEU C 118 48.62 9.87 -23.09
C LEU C 118 49.23 10.95 -22.19
N ASN C 119 50.54 11.13 -22.30
CA ASN C 119 51.26 12.13 -21.54
C ASN C 119 51.19 11.97 -20.02
N TYR C 120 51.13 10.72 -19.55
CA TYR C 120 51.09 10.45 -18.11
C TYR C 120 49.98 11.23 -17.41
N ARG C 121 48.81 11.25 -18.05
CA ARG C 121 47.62 11.95 -17.54
C ARG C 121 47.24 11.42 -16.18
N ILE C 122 47.14 12.33 -15.21
CA ILE C 122 46.79 11.93 -13.85
C ILE C 122 45.30 11.61 -13.73
N HIS C 123 44.99 10.69 -12.82
CA HIS C 123 43.63 10.24 -12.54
C HIS C 123 43.48 10.09 -11.02
N LEU C 124 42.50 10.81 -10.44
CA LEU C 124 42.26 10.78 -9.01
C LEU C 124 40.79 10.65 -8.62
N LYS C 125 40.52 9.92 -7.55
CA LYS C 125 39.17 9.72 -7.03
C LYS C 125 39.17 9.52 -5.51
N GLY C 126 38.17 10.08 -4.84
CA GLY C 126 38.03 9.93 -3.39
C GLY C 126 38.93 10.78 -2.51
N LEU C 127 38.75 12.08 -2.58
CA LEU C 127 39.54 12.99 -1.77
C LEU C 127 39.08 13.03 -0.31
N THR C 128 40.03 12.97 0.61
CA THR C 128 39.76 13.05 2.03
C THR C 128 40.90 13.90 2.59
N GLY C 129 40.95 14.09 3.90
CA GLY C 129 42.03 14.87 4.46
C GLY C 129 41.73 16.29 4.86
N THR C 130 42.75 16.96 5.38
CA THR C 130 42.66 18.33 5.87
C THR C 130 43.29 19.39 4.98
N ALA C 131 43.69 19.03 3.78
CA ALA C 131 44.31 20.04 2.92
C ALA C 131 43.37 20.49 1.81
N GLY C 132 42.06 20.46 2.11
CA GLY C 132 41.06 20.88 1.15
C GLY C 132 39.92 19.90 0.98
N LYS C 133 38.69 20.40 0.91
CA LYS C 133 37.52 19.56 0.69
C LYS C 133 37.37 19.44 -0.82
N ILE C 134 38.13 20.28 -1.52
CA ILE C 134 38.16 20.33 -2.98
C ILE C 134 39.61 20.03 -3.41
N SER C 135 39.77 19.22 -4.47
CA SER C 135 41.08 18.83 -4.99
C SER C 135 41.91 19.95 -5.63
N SER C 136 43.10 20.20 -5.08
CA SER C 136 43.98 21.22 -5.65
C SER C 136 44.51 20.85 -7.04
N ILE C 137 44.30 19.60 -7.44
CA ILE C 137 44.72 19.13 -8.77
C ILE C 137 43.44 19.09 -9.59
N SER C 138 43.37 19.93 -10.62
CA SER C 138 42.18 20.01 -11.48
C SER C 138 41.53 18.65 -11.69
N GLN C 139 40.27 18.53 -11.30
CA GLN C 139 39.57 17.25 -11.45
C GLN C 139 39.56 16.90 -12.93
N PRO C 140 39.07 15.69 -13.30
CA PRO C 140 39.19 15.45 -14.73
C PRO C 140 40.64 15.77 -15.08
N GLY C 141 41.50 14.90 -14.52
CA GLY C 141 42.94 14.98 -14.65
C GLY C 141 43.50 15.37 -15.99
N ASN C 142 44.45 16.30 -15.95
CA ASN C 142 45.10 16.76 -17.16
C ASN C 142 46.37 15.95 -17.49
N ASP C 143 46.88 16.17 -18.70
CA ASP C 143 48.10 15.51 -19.16
C ASP C 143 49.22 16.17 -18.38
N PHE C 144 50.34 15.47 -18.24
CA PHE C 144 51.48 16.04 -17.55
C PHE C 144 52.13 17.03 -18.54
N SER C 145 52.87 18.02 -18.03
CA SER C 145 53.52 18.98 -18.91
C SER C 145 54.83 19.51 -18.36
N THR C 146 55.81 19.65 -19.25
CA THR C 146 57.13 20.16 -18.87
C THR C 146 57.50 21.36 -19.75
N LYS C 147 58.63 21.99 -19.44
CA LYS C 147 59.07 23.16 -20.19
C LYS C 147 59.24 22.87 -21.68
N ASP C 148 59.46 21.60 -22.03
CA ASP C 148 59.65 21.22 -23.43
C ASP C 148 58.51 20.33 -23.93
N GLY C 149 57.42 20.30 -23.16
CA GLY C 149 56.27 19.49 -23.54
C GLY C 149 55.01 20.13 -23.02
N ASP C 150 54.43 21.01 -23.82
CA ASP C 150 53.22 21.73 -23.45
C ASP C 150 51.96 20.93 -23.77
N ASN C 151 51.35 20.35 -22.75
CA ASN C 151 50.12 19.58 -22.91
C ASN C 151 48.99 20.06 -21.99
N ASP C 152 49.08 21.31 -21.54
CA ASP C 152 48.06 21.87 -20.66
C ASP C 152 46.96 22.51 -21.49
N LYS C 153 45.84 22.84 -20.86
CA LYS C 153 44.71 23.44 -21.56
C LYS C 153 44.79 24.96 -21.63
N CYS C 154 45.98 25.51 -21.46
CA CYS C 154 46.16 26.97 -21.52
C CYS C 154 46.60 27.38 -22.91
N ILE C 155 46.28 28.60 -23.31
CA ILE C 155 46.72 29.08 -24.60
C ILE C 155 48.17 29.45 -24.32
N CYS C 156 48.47 29.47 -23.03
CA CYS C 156 49.79 29.80 -22.55
C CYS C 156 50.51 28.49 -22.24
N LYS C 157 51.78 28.58 -21.87
CA LYS C 157 52.56 27.40 -21.52
C LYS C 157 52.71 27.43 -20.00
N CYS C 158 51.83 26.72 -19.32
CA CYS C 158 51.87 26.71 -17.85
C CYS C 158 53.20 26.30 -17.25
N SER C 159 53.85 25.29 -17.82
CA SER C 159 55.12 24.83 -17.30
C SER C 159 56.16 25.95 -17.37
N GLN C 160 56.20 26.64 -18.49
CA GLN C 160 57.15 27.73 -18.62
C GLN C 160 56.78 28.89 -17.71
N MET C 161 55.50 29.03 -17.41
CA MET C 161 55.02 30.11 -16.54
C MET C 161 55.26 29.88 -15.05
N LEU C 162 54.75 28.76 -14.53
CA LEU C 162 54.89 28.43 -13.12
C LEU C 162 56.18 27.67 -12.78
N THR C 163 56.82 27.13 -13.83
CA THR C 163 58.06 26.34 -13.71
C THR C 163 57.81 24.95 -13.13
N GLY C 164 58.62 23.99 -13.60
CA GLY C 164 58.51 22.62 -13.12
C GLY C 164 57.51 21.80 -13.92
N GLY C 165 57.46 20.51 -13.62
CA GLY C 165 56.53 19.61 -14.32
C GLY C 165 55.29 19.36 -13.50
N TRP C 166 54.13 19.33 -14.13
CA TRP C 166 52.89 19.13 -13.39
C TRP C 166 51.72 18.86 -14.32
N TRP C 167 50.62 18.42 -13.72
CA TRP C 167 49.42 18.15 -14.49
C TRP C 167 48.62 19.46 -14.52
N PHE C 168 49.21 20.50 -15.11
CA PHE C 168 48.57 21.81 -15.21
C PHE C 168 47.27 21.73 -16.02
N ASP C 169 46.40 22.70 -15.79
CA ASP C 169 45.13 22.77 -16.53
C ASP C 169 45.34 24.05 -17.34
N ALA C 170 44.72 25.13 -16.88
CA ALA C 170 44.93 26.44 -17.49
C ALA C 170 45.79 26.90 -16.33
N CYS C 171 46.71 26.00 -16.01
CA CYS C 171 47.69 26.09 -14.93
C CYS C 171 47.13 25.52 -13.62
N GLY C 172 45.86 25.82 -13.32
CA GLY C 172 45.21 25.27 -12.15
C GLY C 172 45.66 25.62 -10.73
N PRO C 173 44.94 25.08 -9.71
CA PRO C 173 45.21 25.31 -8.28
C PRO C 173 46.39 24.63 -7.58
N SER C 174 47.34 24.08 -8.34
CA SER C 174 48.48 23.43 -7.70
C SER C 174 49.72 23.25 -8.56
N ASN C 175 50.83 23.00 -7.88
CA ASN C 175 52.14 22.76 -8.49
C ASN C 175 53.17 22.60 -7.38
N LEU C 176 53.37 21.34 -6.97
CA LEU C 176 54.34 21.03 -5.91
C LEU C 176 55.75 21.01 -6.49
N ASN C 177 55.85 21.11 -7.81
CA ASN C 177 57.14 21.13 -8.49
C ASN C 177 57.55 22.54 -8.94
N GLY C 178 57.00 23.54 -8.26
CA GLY C 178 57.32 24.91 -8.60
C GLY C 178 58.56 25.42 -7.88
N MET C 179 58.93 26.66 -8.14
CA MET C 179 60.11 27.26 -7.51
C MET C 179 60.08 27.28 -5.99
N TYR C 180 61.25 27.16 -5.38
CA TYR C 180 61.35 27.18 -3.93
C TYR C 180 61.68 28.59 -3.42
N TYR C 181 60.88 29.09 -2.50
CA TYR C 181 61.09 30.41 -1.93
C TYR C 181 61.27 30.28 -0.42
N PRO C 182 62.37 30.81 0.12
CA PRO C 182 62.62 30.73 1.58
C PRO C 182 61.59 31.60 2.29
N GLN C 183 61.54 31.53 3.62
CA GLN C 183 60.57 32.32 4.35
C GLN C 183 60.77 33.82 4.10
N ARG C 184 59.71 34.60 4.29
CA ARG C 184 59.76 36.05 4.08
C ARG C 184 59.95 36.38 2.60
N GLN C 185 59.59 35.43 1.74
CA GLN C 185 59.66 35.57 0.29
C GLN C 185 58.68 34.55 -0.28
N ASN C 186 57.95 33.90 0.63
CA ASN C 186 57.00 32.84 0.29
C ASN C 186 55.55 33.24 0.02
N THR C 187 55.25 34.53 -0.01
CA THR C 187 53.89 34.95 -0.28
C THR C 187 53.82 35.68 -1.63
N ASN C 188 52.63 35.70 -2.22
CA ASN C 188 52.42 36.35 -3.52
C ASN C 188 53.37 35.86 -4.60
N LYS C 189 53.47 34.54 -4.74
CA LYS C 189 54.35 33.96 -5.76
C LYS C 189 53.60 32.91 -6.56
N ALA C 190 53.09 33.30 -7.73
CA ALA C 190 52.38 32.38 -8.59
C ALA C 190 53.39 31.32 -9.02
N ASN C 191 54.65 31.70 -8.85
CA ASN C 191 55.83 30.92 -9.19
C ASN C 191 56.22 29.77 -8.25
N GLY C 192 55.74 29.84 -7.02
CA GLY C 192 56.12 28.84 -6.03
C GLY C 192 55.47 27.47 -5.98
N ILE C 193 55.67 26.84 -4.82
CA ILE C 193 55.13 25.52 -4.54
C ILE C 193 53.75 25.73 -3.96
N LYS C 194 52.75 25.73 -4.84
CA LYS C 194 51.38 25.98 -4.39
C LYS C 194 50.44 24.77 -4.33
N TRP C 195 49.51 24.86 -3.39
CA TRP C 195 48.47 23.86 -3.18
C TRP C 195 47.31 24.72 -2.67
N ALA C 196 46.80 25.56 -3.57
CA ALA C 196 45.71 26.50 -3.31
C ALA C 196 44.64 26.09 -2.30
N ALA C 197 44.02 24.94 -2.50
CA ALA C 197 42.96 24.47 -1.61
C ALA C 197 43.29 24.58 -0.11
N TRP C 198 44.58 24.56 0.25
CA TRP C 198 44.98 24.68 1.64
C TRP C 198 45.51 26.06 2.02
N LYS C 199 46.37 26.63 1.19
CA LYS C 199 46.97 27.92 1.52
C LYS C 199 46.57 29.07 0.60
N GLY C 200 45.69 28.81 -0.36
CA GLY C 200 45.29 29.84 -1.28
C GLY C 200 46.38 30.03 -2.32
N SER C 201 46.04 30.69 -3.42
CA SER C 201 47.04 30.92 -4.46
C SER C 201 48.10 31.85 -3.87
N GLY C 202 49.25 31.92 -4.51
CA GLY C 202 50.30 32.79 -4.01
C GLY C 202 51.23 32.23 -2.94
N TYR C 203 50.70 31.47 -1.98
CA TYR C 203 51.55 30.91 -0.91
C TYR C 203 52.46 29.79 -1.44
N SER C 204 53.77 29.92 -1.20
CA SER C 204 54.74 28.91 -1.63
C SER C 204 55.14 28.07 -0.42
N LEU C 205 54.79 26.79 -0.44
CA LEU C 205 55.05 25.88 0.66
C LEU C 205 56.52 25.65 1.02
N LYS C 206 56.74 25.14 2.24
CA LYS C 206 58.09 24.87 2.74
C LYS C 206 58.51 23.43 2.49
N ALA C 207 57.53 22.53 2.43
CA ALA C 207 57.82 21.13 2.18
C ALA C 207 56.60 20.39 1.71
N THR C 208 56.84 19.32 0.95
CA THR C 208 55.79 18.49 0.40
C THR C 208 56.34 17.10 0.19
N THR C 209 55.44 16.12 0.21
CA THR C 209 55.82 14.74 -0.04
C THR C 209 54.60 14.09 -0.66
N MET C 210 54.80 13.46 -1.80
CA MET C 210 53.73 12.76 -2.48
C MET C 210 54.11 11.28 -2.34
N MET C 211 53.20 10.48 -1.82
CA MET C 211 53.48 9.07 -1.64
C MET C 211 52.34 8.13 -2.05
N ILE C 212 52.70 6.92 -2.46
CA ILE C 212 51.72 5.93 -2.87
C ILE C 212 51.91 4.61 -2.11
N ARG C 213 50.85 3.82 -2.08
CA ARG C 213 50.81 2.53 -1.41
C ARG C 213 49.51 1.85 -1.89
N PRO C 214 49.53 0.53 -2.04
CA PRO C 214 48.28 -0.10 -2.50
C PRO C 214 47.21 -0.20 -1.40
N ALA C 215 46.09 -0.85 -1.68
CA ALA C 215 45.05 -1.03 -0.67
C ALA C 215 45.51 -2.18 0.24
N ASP C 216 46.47 -1.89 1.12
CA ASP C 216 47.02 -2.88 2.05
C ASP C 216 46.62 -2.65 3.50
N SER D 1 -26.14 29.63 65.15
CA SER D 1 -26.32 28.32 64.47
C SER D 1 -27.73 28.12 63.91
N PHE D 2 -27.81 27.32 62.85
CA PHE D 2 -29.08 27.02 62.18
C PHE D 2 -29.21 25.50 62.10
N ARG D 3 -30.42 24.98 62.26
CA ARG D 3 -30.60 23.53 62.20
C ARG D 3 -30.87 23.03 60.77
N ASP D 4 -31.17 23.94 59.86
CA ASP D 4 -31.42 23.56 58.47
C ASP D 4 -31.22 24.75 57.54
N CYS D 5 -31.15 24.48 56.25
CA CYS D 5 -30.95 25.51 55.24
C CYS D 5 -32.04 26.59 55.17
N ALA D 6 -33.27 26.23 55.55
CA ALA D 6 -34.36 27.20 55.52
C ALA D 6 -34.03 28.29 56.53
N GLU D 7 -33.48 27.86 57.65
CA GLU D 7 -33.08 28.74 58.73
C GLU D 7 -31.97 29.64 58.20
N VAL D 8 -31.05 29.03 57.45
CA VAL D 8 -29.93 29.75 56.86
C VAL D 8 -30.39 30.79 55.84
N PHE D 9 -31.39 30.44 55.04
CA PHE D 9 -31.90 31.36 54.04
C PHE D 9 -32.69 32.52 54.67
N LYS D 10 -33.53 32.23 55.66
CA LYS D 10 -34.32 33.28 56.31
C LYS D 10 -33.43 34.30 57.01
N SER D 11 -32.36 33.84 57.64
CA SER D 11 -31.45 34.73 58.36
C SER D 11 -30.81 35.74 57.42
N GLY D 12 -30.88 35.48 56.11
CA GLY D 12 -30.30 36.40 55.15
C GLY D 12 -29.38 35.81 54.11
N HIS D 13 -28.75 34.67 54.41
CA HIS D 13 -27.86 34.06 53.43
C HIS D 13 -28.70 33.48 52.31
N THR D 14 -28.52 34.02 51.11
CA THR D 14 -29.32 33.59 49.96
C THR D 14 -28.51 33.04 48.78
N THR D 15 -27.29 32.59 49.05
CA THR D 15 -26.45 32.05 47.99
C THR D 15 -26.25 30.54 48.12
N ASN D 16 -26.25 29.82 47.00
CA ASN D 16 -26.05 28.38 47.05
C ASN D 16 -24.66 28.11 47.60
N GLY D 17 -24.46 26.91 48.14
CA GLY D 17 -23.16 26.57 48.70
C GLY D 17 -23.22 25.67 49.92
N ILE D 18 -22.05 25.21 50.35
CA ILE D 18 -21.95 24.35 51.50
C ILE D 18 -22.10 25.16 52.79
N TYR D 19 -22.93 24.67 53.70
CA TYR D 19 -23.18 25.35 54.97
C TYR D 19 -23.08 24.38 56.16
N THR D 20 -22.76 24.94 57.33
CA THR D 20 -22.64 24.17 58.55
C THR D 20 -23.90 24.25 59.42
N LEU D 21 -24.57 23.11 59.58
CA LEU D 21 -25.78 23.05 60.39
C LEU D 21 -25.44 22.30 61.67
N THR D 22 -26.25 22.48 62.71
CA THR D 22 -26.01 21.79 63.98
C THR D 22 -27.27 21.06 64.42
N PHE D 23 -27.10 19.85 64.96
CA PHE D 23 -28.21 19.05 65.43
C PHE D 23 -29.13 19.85 66.36
N PRO D 24 -30.46 19.67 66.23
CA PRO D 24 -31.53 20.32 66.98
C PRO D 24 -31.25 21.05 68.30
N ASN D 25 -30.82 20.34 69.34
CA ASN D 25 -30.54 21.03 70.59
C ASN D 25 -29.19 20.63 71.15
N SER D 26 -28.22 20.45 70.26
CA SER D 26 -26.88 20.05 70.69
C SER D 26 -25.78 20.89 70.09
N THR D 27 -24.55 20.43 70.32
CA THR D 27 -23.34 21.07 69.85
C THR D 27 -22.83 20.46 68.55
N GLU D 28 -23.16 19.19 68.32
CA GLU D 28 -22.71 18.49 67.12
C GLU D 28 -23.04 19.23 65.82
N GLU D 29 -22.09 19.24 64.89
CA GLU D 29 -22.27 19.92 63.62
C GLU D 29 -22.28 18.95 62.44
N ILE D 30 -22.77 19.44 61.31
CA ILE D 30 -22.84 18.64 60.09
C ILE D 30 -22.87 19.59 58.91
N LYS D 31 -22.20 19.22 57.82
CA LYS D 31 -22.19 20.07 56.64
C LYS D 31 -23.13 19.57 55.55
N ALA D 32 -24.00 20.46 55.09
CA ALA D 32 -24.97 20.16 54.03
C ALA D 32 -24.93 21.20 52.92
N TYR D 33 -25.27 20.78 51.71
CA TYR D 33 -25.31 21.72 50.60
C TYR D 33 -26.70 22.35 50.66
N CYS D 34 -26.76 23.67 50.52
CA CYS D 34 -28.04 24.35 50.55
C CYS D 34 -28.36 24.85 49.15
N ASP D 35 -29.61 24.63 48.70
CA ASP D 35 -30.02 25.13 47.40
C ASP D 35 -30.90 26.32 47.75
N MET D 36 -30.35 27.52 47.54
CA MET D 36 -31.07 28.76 47.85
C MET D 36 -31.60 29.47 46.60
N GLU D 37 -31.04 29.15 45.45
CA GLU D 37 -31.44 29.80 44.20
C GLU D 37 -32.50 29.14 43.34
N ALA D 38 -33.10 28.07 43.84
CA ALA D 38 -34.13 27.37 43.07
C ALA D 38 -35.43 27.22 43.84
N GLY D 39 -36.54 27.38 43.13
CA GLY D 39 -37.86 27.24 43.72
C GLY D 39 -38.09 27.84 45.09
N GLY D 40 -37.59 29.05 45.33
CA GLY D 40 -37.77 29.68 46.62
C GLY D 40 -36.58 29.53 47.56
N GLY D 41 -35.69 28.59 47.26
CA GLY D 41 -34.52 28.40 48.11
C GLY D 41 -34.86 27.80 49.45
N GLY D 42 -33.90 27.86 50.37
CA GLY D 42 -34.11 27.29 51.70
C GLY D 42 -34.11 25.78 51.70
N TRP D 43 -33.61 25.18 50.62
CA TRP D 43 -33.58 23.72 50.47
C TRP D 43 -32.33 23.03 51.05
N THR D 44 -32.56 22.05 51.92
CA THR D 44 -31.46 21.29 52.51
C THR D 44 -31.33 19.97 51.76
N ILE D 45 -30.24 19.78 51.05
CA ILE D 45 -30.00 18.55 50.28
C ILE D 45 -29.58 17.39 51.18
N ILE D 46 -30.29 16.26 51.10
CA ILE D 46 -29.95 15.10 51.94
C ILE D 46 -29.23 14.01 51.14
N GLN D 47 -29.20 14.17 49.81
CA GLN D 47 -28.46 13.21 48.99
C GLN D 47 -28.39 13.71 47.58
N ARG D 48 -27.31 13.33 46.89
CA ARG D 48 -27.14 13.75 45.52
C ARG D 48 -26.24 12.80 44.74
N ARG D 49 -26.58 12.63 43.46
CA ARG D 49 -25.83 11.81 42.52
C ARG D 49 -25.86 12.63 41.22
N GLU D 50 -24.74 12.70 40.52
CA GLU D 50 -24.63 13.43 39.26
C GLU D 50 -23.39 12.79 38.68
N ASP D 51 -22.69 12.18 39.63
CA ASP D 51 -21.46 11.44 39.48
C ASP D 51 -20.16 12.17 39.72
N GLY D 52 -19.49 11.65 40.73
CA GLY D 52 -18.20 12.11 41.18
C GLY D 52 -17.90 10.84 41.93
N SER D 53 -18.64 9.82 41.55
CA SER D 53 -18.55 8.47 42.12
C SER D 53 -18.03 8.46 43.55
N VAL D 54 -18.96 8.29 44.47
CA VAL D 54 -18.65 8.28 45.89
C VAL D 54 -18.88 6.92 46.54
N ASP D 55 -19.43 5.97 45.78
CA ASP D 55 -19.72 4.62 46.31
C ASP D 55 -20.78 4.67 47.40
N PHE D 56 -21.97 4.21 47.06
CA PHE D 56 -23.07 4.20 47.99
C PHE D 56 -23.31 2.81 48.56
N GLN D 57 -22.31 1.95 48.40
CA GLN D 57 -22.40 0.60 48.95
C GLN D 57 -21.71 0.67 50.31
N ARG D 58 -22.34 1.45 51.20
CA ARG D 58 -21.81 1.68 52.55
C ARG D 58 -22.55 0.92 53.65
N THR D 59 -22.00 0.99 54.85
CA THR D 59 -22.55 0.32 56.01
C THR D 59 -23.66 1.15 56.65
N TRP D 60 -24.39 0.52 57.57
CA TRP D 60 -25.47 1.19 58.28
C TRP D 60 -24.98 2.42 59.06
N LYS D 61 -23.75 2.37 59.56
CA LYS D 61 -23.21 3.50 60.33
C LYS D 61 -22.87 4.66 59.40
N GLU D 62 -22.29 4.34 58.25
CA GLU D 62 -21.95 5.34 57.27
C GLU D 62 -23.23 6.06 56.79
N TYR D 63 -24.34 5.33 56.67
CA TYR D 63 -25.59 5.94 56.27
C TYR D 63 -26.20 6.67 57.46
N LYS D 64 -25.89 6.21 58.65
CA LYS D 64 -26.40 6.86 59.86
C LYS D 64 -25.72 8.21 60.04
N VAL D 65 -24.39 8.23 59.89
CA VAL D 65 -23.63 9.46 60.08
C VAL D 65 -23.50 10.34 58.84
N GLY D 66 -23.46 9.71 57.66
CA GLY D 66 -23.32 10.47 56.43
C GLY D 66 -22.00 10.16 55.75
N PHE D 67 -21.91 10.42 54.45
CA PHE D 67 -20.70 10.18 53.69
C PHE D 67 -20.68 10.98 52.39
N GLY D 68 -19.54 10.96 51.72
CA GLY D 68 -19.38 11.70 50.48
C GLY D 68 -18.99 13.14 50.72
N ASN D 69 -18.86 13.92 49.65
CA ASN D 69 -18.49 15.32 49.78
C ASN D 69 -19.71 16.22 49.50
N PRO D 70 -20.04 17.11 50.45
CA PRO D 70 -21.19 18.02 50.29
C PRO D 70 -21.23 18.80 48.98
N SER D 71 -20.09 18.92 48.32
CA SER D 71 -20.03 19.69 47.06
C SER D 71 -20.16 18.80 45.84
N GLY D 72 -20.24 17.50 46.07
CA GLY D 72 -20.38 16.55 44.98
C GLY D 72 -21.50 15.58 45.32
N GLU D 73 -21.20 14.29 45.26
CA GLU D 73 -22.18 13.26 45.60
C GLU D 73 -22.04 12.95 47.08
N TYR D 74 -23.17 12.85 47.78
CA TYR D 74 -23.15 12.52 49.19
C TYR D 74 -24.52 12.13 49.74
N TRP D 75 -24.51 11.67 50.98
CA TRP D 75 -25.68 11.27 51.74
C TRP D 75 -25.52 12.02 53.04
N LEU D 76 -26.42 12.97 53.30
CA LEU D 76 -26.33 13.77 54.52
C LEU D 76 -26.22 12.97 55.83
N GLY D 77 -27.14 12.04 56.06
CA GLY D 77 -27.09 11.26 57.29
C GLY D 77 -28.44 11.04 57.95
N ASN D 78 -28.80 9.76 58.12
CA ASN D 78 -30.08 9.40 58.71
C ASN D 78 -30.37 9.97 60.09
N GLU D 79 -29.41 9.87 61.01
CA GLU D 79 -29.68 10.37 62.35
C GLU D 79 -30.02 11.84 62.33
N PHE D 80 -29.27 12.61 61.56
CA PHE D 80 -29.51 14.04 61.47
C PHE D 80 -30.86 14.34 60.80
N VAL D 81 -31.14 13.65 59.70
CA VAL D 81 -32.40 13.88 58.98
C VAL D 81 -33.55 13.46 59.86
N SER D 82 -33.35 12.36 60.59
CA SER D 82 -34.39 11.85 61.47
C SER D 82 -34.73 12.84 62.56
N GLN D 83 -33.71 13.42 63.21
CA GLN D 83 -33.98 14.37 64.28
C GLN D 83 -34.70 15.62 63.78
N LEU D 84 -34.27 16.14 62.64
CA LEU D 84 -34.91 17.34 62.09
C LEU D 84 -36.39 17.14 61.78
N THR D 85 -36.68 16.13 60.96
CA THR D 85 -38.04 15.86 60.52
C THR D 85 -39.02 15.41 61.60
N ASN D 86 -38.52 15.14 62.80
CA ASN D 86 -39.38 14.75 63.91
C ASN D 86 -39.55 15.96 64.82
N GLN D 87 -38.94 17.08 64.42
CA GLN D 87 -39.00 18.30 65.20
C GLN D 87 -40.04 19.27 64.64
N GLN D 88 -40.21 19.27 63.33
CA GLN D 88 -41.18 20.14 62.67
C GLN D 88 -41.53 19.57 61.29
N ARG D 89 -42.67 20.00 60.76
CA ARG D 89 -43.17 19.53 59.46
C ARG D 89 -42.24 19.85 58.29
N TYR D 90 -41.78 18.81 57.59
CA TYR D 90 -40.90 18.97 56.43
C TYR D 90 -41.48 18.34 55.18
N VAL D 91 -41.19 18.97 54.06
CA VAL D 91 -41.63 18.49 52.75
C VAL D 91 -40.40 17.81 52.18
N LEU D 92 -40.57 16.86 51.26
CA LEU D 92 -39.44 16.18 50.64
C LEU D 92 -39.57 16.40 49.15
N LYS D 93 -38.49 16.84 48.50
CA LYS D 93 -38.52 17.06 47.06
C LYS D 93 -37.47 16.20 46.42
N ILE D 94 -37.88 15.42 45.43
CA ILE D 94 -36.99 14.53 44.72
C ILE D 94 -36.80 15.08 43.31
N HIS D 95 -35.59 15.48 42.96
CA HIS D 95 -35.36 16.02 41.62
C HIS D 95 -34.57 14.98 40.80
N LEU D 96 -35.05 14.67 39.61
CA LEU D 96 -34.40 13.65 38.78
C LEU D 96 -33.98 14.09 37.38
N LYS D 97 -32.86 13.55 36.91
CA LYS D 97 -32.33 13.87 35.59
C LYS D 97 -31.95 12.59 34.83
N ASP D 98 -32.42 12.44 33.59
CA ASP D 98 -32.03 11.26 32.81
C ASP D 98 -30.90 11.62 31.84
N TRP D 99 -30.53 10.69 30.98
CA TRP D 99 -29.44 10.91 30.02
C TRP D 99 -29.87 11.51 28.68
N GLU D 100 -31.17 11.65 28.47
CA GLU D 100 -31.64 12.20 27.20
C GLU D 100 -31.79 13.71 27.30
N GLY D 101 -31.75 14.22 28.53
CA GLY D 101 -31.90 15.65 28.74
C GLY D 101 -33.21 16.02 29.40
N ASN D 102 -33.89 15.06 30.05
CA ASN D 102 -35.15 15.37 30.72
C ASN D 102 -34.93 15.50 32.22
N GLU D 103 -35.87 16.17 32.86
CA GLU D 103 -35.79 16.40 34.29
C GLU D 103 -37.21 16.46 34.81
N ALA D 104 -37.46 15.81 35.94
CA ALA D 104 -38.79 15.81 36.54
C ALA D 104 -38.62 15.78 38.05
N TYR D 105 -39.71 15.92 38.78
CA TYR D 105 -39.63 15.89 40.23
C TYR D 105 -40.88 15.29 40.91
N SER D 106 -40.69 14.81 42.13
CA SER D 106 -41.77 14.27 42.95
C SER D 106 -41.70 15.11 44.20
N LEU D 107 -42.85 15.51 44.71
CA LEU D 107 -42.89 16.32 45.92
C LEU D 107 -43.87 15.74 46.94
N TYR D 108 -43.38 15.44 48.14
CA TYR D 108 -44.24 14.89 49.18
C TYR D 108 -44.51 15.98 50.22
N GLU D 109 -45.79 16.30 50.41
CA GLU D 109 -46.18 17.34 51.36
C GLU D 109 -45.63 17.09 52.77
N HIS D 110 -45.52 15.82 53.16
CA HIS D 110 -45.00 15.48 54.48
C HIS D 110 -43.98 14.34 54.41
N PHE D 111 -42.85 14.54 55.08
CA PHE D 111 -41.79 13.54 55.10
C PHE D 111 -41.04 13.52 56.43
N TYR D 112 -40.75 12.32 56.91
CA TYR D 112 -39.98 12.14 58.13
C TYR D 112 -39.51 10.71 58.30
N LEU D 113 -38.39 10.56 59.01
CA LEU D 113 -37.80 9.25 59.28
C LEU D 113 -37.95 8.99 60.77
N SER D 114 -38.22 7.75 61.14
CA SER D 114 -38.34 7.43 62.56
C SER D 114 -36.93 7.37 63.14
N SER D 115 -36.82 7.05 64.41
CA SER D 115 -35.53 6.97 65.09
C SER D 115 -34.80 5.73 64.63
N GLU D 116 -33.58 5.54 65.12
CA GLU D 116 -32.78 4.37 64.74
C GLU D 116 -33.35 3.08 65.33
N GLU D 117 -34.14 3.22 66.39
CA GLU D 117 -34.74 2.04 67.02
C GLU D 117 -35.82 1.46 66.10
N LEU D 118 -36.28 2.27 65.16
CA LEU D 118 -37.31 1.84 64.20
C LEU D 118 -36.69 1.76 62.82
N ASN D 119 -35.36 1.66 62.79
CA ASN D 119 -34.59 1.55 61.56
C ASN D 119 -34.78 2.68 60.55
N TYR D 120 -35.01 3.90 61.05
CA TYR D 120 -35.17 5.07 60.20
C TYR D 120 -36.26 4.86 59.15
N ARG D 121 -37.35 4.24 59.59
CA ARG D 121 -38.48 3.97 58.72
C ARG D 121 -38.98 5.26 58.11
N ILE D 122 -39.15 5.27 56.79
CA ILE D 122 -39.62 6.47 56.10
C ILE D 122 -41.14 6.65 56.20
N HIS D 123 -41.58 7.91 56.24
CA HIS D 123 -42.99 8.24 56.34
C HIS D 123 -43.32 9.37 55.33
N LEU D 124 -44.16 9.05 54.33
CA LEU D 124 -44.52 9.99 53.28
C LEU D 124 -46.03 10.21 53.07
N LYS D 125 -46.41 11.44 52.74
CA LYS D 125 -47.81 11.79 52.51
C LYS D 125 -47.94 12.99 51.56
N GLY D 126 -48.95 12.96 50.70
CA GLY D 126 -49.22 14.05 49.77
C GLY D 126 -48.27 14.22 48.59
N LEU D 127 -48.29 13.29 47.66
CA LEU D 127 -47.41 13.36 46.50
C LEU D 127 -47.96 14.20 45.34
N THR D 128 -47.08 15.01 44.75
CA THR D 128 -47.39 15.84 43.59
C THR D 128 -46.19 15.75 42.66
N GLY D 129 -46.26 16.38 41.49
CA GLY D 129 -45.11 16.34 40.61
C GLY D 129 -45.26 15.66 39.27
N THR D 130 -44.18 15.71 38.49
CA THR D 130 -44.11 15.17 37.15
C THR D 130 -43.34 13.88 37.09
N ALA D 131 -42.90 13.39 38.25
CA ALA D 131 -42.15 12.15 38.30
C ALA D 131 -43.02 11.00 38.79
N GLY D 132 -44.28 10.99 38.38
CA GLY D 132 -45.19 9.92 38.79
C GLY D 132 -46.44 10.39 39.51
N LYS D 133 -47.56 9.74 39.21
CA LYS D 133 -48.85 10.08 39.83
C LYS D 133 -48.93 9.38 41.17
N ILE D 134 -48.02 8.45 41.40
CA ILE D 134 -47.96 7.69 42.63
C ILE D 134 -46.48 7.49 43.07
N SER D 135 -46.26 7.55 44.38
CA SER D 135 -44.95 7.39 45.01
C SER D 135 -44.10 6.17 44.59
N SER D 136 -42.88 6.42 44.13
CA SER D 136 -41.96 5.34 43.74
C SER D 136 -41.31 4.71 44.97
N ILE D 137 -41.63 5.28 46.13
CA ILE D 137 -41.15 4.77 47.42
C ILE D 137 -42.37 4.02 47.98
N SER D 138 -42.27 2.71 48.13
CA SER D 138 -43.38 1.88 48.63
C SER D 138 -44.16 2.52 49.76
N GLN D 139 -45.45 2.74 49.54
CA GLN D 139 -46.31 3.36 50.54
C GLN D 139 -46.20 2.53 51.80
N PRO D 140 -46.90 2.91 52.90
CA PRO D 140 -46.63 2.01 54.01
C PRO D 140 -45.11 1.85 54.00
N GLY D 141 -44.47 3.00 54.21
CA GLY D 141 -43.03 3.12 54.22
C GLY D 141 -42.26 2.07 54.98
N ASN D 142 -41.24 1.52 54.31
CA ASN D 142 -40.38 0.51 54.88
C ASN D 142 -39.28 1.09 55.79
N ASP D 143 -38.57 0.19 56.48
CA ASP D 143 -37.46 0.59 57.35
C ASP D 143 -36.33 0.83 56.35
N PHE D 144 -35.24 1.43 56.82
CA PHE D 144 -34.09 1.65 55.96
C PHE D 144 -33.29 0.35 56.03
N SER D 145 -32.71 -0.05 54.90
CA SER D 145 -31.90 -1.27 54.85
C SER D 145 -30.56 -1.02 54.17
N THR D 146 -29.53 -1.64 54.72
CA THR D 146 -28.17 -1.54 54.20
C THR D 146 -27.60 -2.94 54.05
N LYS D 147 -26.45 -3.05 53.42
CA LYS D 147 -25.83 -4.35 53.21
C LYS D 147 -25.61 -5.09 54.52
N ASP D 148 -25.50 -4.36 55.63
CA ASP D 148 -25.30 -5.00 56.93
C ASP D 148 -26.47 -4.73 57.87
N GLY D 149 -27.61 -4.43 57.27
CA GLY D 149 -28.82 -4.17 58.03
C GLY D 149 -30.02 -4.51 57.15
N ASP D 150 -30.46 -5.77 57.22
CA ASP D 150 -31.60 -6.20 56.43
C ASP D 150 -32.88 -5.95 57.20
N ASN D 151 -33.64 -4.96 56.77
CA ASN D 151 -34.89 -4.62 57.43
C ASN D 151 -36.02 -4.50 56.42
N ASP D 152 -35.82 -5.05 55.23
CA ASP D 152 -36.86 -4.98 54.21
C ASP D 152 -37.91 -6.07 54.46
N LYS D 153 -38.80 -6.26 53.50
CA LYS D 153 -39.85 -7.26 53.63
C LYS D 153 -39.67 -8.37 52.60
N CYS D 154 -38.43 -8.57 52.18
CA CYS D 154 -38.09 -9.60 51.22
C CYS D 154 -37.61 -10.84 51.96
N ILE D 155 -37.65 -11.98 51.29
CA ILE D 155 -37.12 -13.20 51.90
C ILE D 155 -35.64 -13.00 51.61
N CYS D 156 -35.39 -12.16 50.60
CA CYS D 156 -34.06 -11.83 50.14
C CYS D 156 -33.45 -10.62 50.87
N LYS D 157 -32.24 -10.25 50.45
CA LYS D 157 -31.54 -9.10 51.00
C LYS D 157 -31.54 -8.02 49.91
N CYS D 158 -32.61 -7.24 49.82
CA CYS D 158 -32.71 -6.21 48.79
C CYS D 158 -31.50 -5.29 48.68
N SER D 159 -30.92 -4.90 49.81
CA SER D 159 -29.76 -4.03 49.77
C SER D 159 -28.56 -4.65 49.03
N GLN D 160 -28.34 -5.94 49.22
CA GLN D 160 -27.21 -6.58 48.55
C GLN D 160 -27.51 -6.84 47.08
N MET D 161 -28.79 -7.03 46.77
CA MET D 161 -29.22 -7.28 45.40
C MET D 161 -29.17 -6.00 44.56
N LEU D 162 -29.85 -4.95 45.02
CA LEU D 162 -29.89 -3.69 44.28
C LEU D 162 -28.71 -2.76 44.57
N THR D 163 -28.09 -2.94 45.75
CA THR D 163 -26.94 -2.15 46.23
C THR D 163 -27.30 -0.76 46.73
N GLY D 164 -26.65 -0.36 47.82
CA GLY D 164 -26.91 0.95 48.41
C GLY D 164 -27.90 0.83 49.55
N GLY D 165 -28.13 1.93 50.28
CA GLY D 165 -29.06 1.91 51.39
C GLY D 165 -30.37 2.56 50.98
N TRP D 166 -31.50 1.94 51.29
CA TRP D 166 -32.77 2.49 50.86
C TRP D 166 -33.92 1.93 51.70
N TRP D 167 -35.11 2.49 51.50
CA TRP D 167 -36.29 2.02 52.22
C TRP D 167 -36.93 0.96 51.34
N PHE D 168 -36.18 -0.11 51.12
CA PHE D 168 -36.60 -1.24 50.31
C PHE D 168 -37.84 -1.97 50.83
N ASP D 169 -38.71 -2.38 49.90
CA ASP D 169 -39.92 -3.12 50.27
C ASP D 169 -39.57 -4.57 49.98
N ALA D 170 -40.10 -5.11 48.88
CA ALA D 170 -39.73 -6.46 48.46
C ALA D 170 -38.80 -5.98 47.36
N CYS D 171 -38.00 -5.00 47.77
CA CYS D 171 -37.02 -4.26 46.99
C CYS D 171 -37.71 -2.98 46.52
N GLY D 172 -38.94 -3.11 45.99
CA GLY D 172 -39.71 -1.94 45.58
C GLY D 172 -39.41 -1.17 44.30
N PRO D 173 -40.22 -0.14 43.99
CA PRO D 173 -40.11 0.73 42.80
C PRO D 173 -38.96 1.73 42.74
N SER D 174 -38.16 1.86 43.79
CA SER D 174 -37.08 2.86 43.75
C SER D 174 -35.78 2.51 44.45
N ASN D 175 -34.73 3.26 44.08
CA ASN D 175 -33.40 3.12 44.69
C ASN D 175 -32.46 4.16 44.12
N LEU D 176 -32.55 5.37 44.65
CA LEU D 176 -31.71 6.48 44.21
C LEU D 176 -30.25 6.31 44.67
N ASN D 177 -30.01 5.31 45.52
CA ASN D 177 -28.67 5.02 46.01
C ASN D 177 -28.09 3.78 45.36
N GLY D 178 -28.57 3.49 44.15
CA GLY D 178 -28.09 2.33 43.41
C GLY D 178 -26.79 2.60 42.69
N MET D 179 -26.35 1.63 41.89
CA MET D 179 -25.10 1.81 41.15
C MET D 179 -25.23 2.78 39.99
N TYR D 180 -24.20 3.60 39.81
CA TYR D 180 -24.18 4.61 38.76
C TYR D 180 -23.68 4.06 37.42
N TYR D 181 -24.61 3.87 36.50
CA TYR D 181 -24.32 3.36 35.17
C TYR D 181 -24.28 4.55 34.21
N PRO D 182 -23.35 4.52 33.22
CA PRO D 182 -23.22 5.61 32.25
C PRO D 182 -24.22 5.47 31.11
N GLN D 183 -24.17 6.41 30.17
CA GLN D 183 -25.07 6.38 29.02
C GLN D 183 -24.71 5.15 28.19
N ARG D 184 -25.73 4.40 27.78
CA ARG D 184 -25.56 3.19 26.97
C ARG D 184 -25.48 1.94 27.84
N GLN D 185 -25.87 2.10 29.10
CA GLN D 185 -25.89 1.00 30.07
C GLN D 185 -27.04 1.30 31.04
N ASN D 186 -27.74 2.39 30.78
CA ASN D 186 -28.84 2.85 31.63
C ASN D 186 -30.16 2.06 31.59
N THR D 187 -30.21 0.98 30.83
CA THR D 187 -31.44 0.19 30.75
C THR D 187 -31.35 -1.23 31.31
N ASN D 188 -32.49 -1.75 31.74
CA ASN D 188 -32.64 -3.09 32.30
C ASN D 188 -31.76 -3.42 33.50
N LYS D 189 -31.22 -2.40 34.15
CA LYS D 189 -30.37 -2.61 35.32
C LYS D 189 -31.19 -2.50 36.61
N ALA D 190 -31.57 -3.64 37.18
CA ALA D 190 -32.35 -3.63 38.42
C ALA D 190 -31.43 -3.14 39.54
N ASN D 191 -30.17 -2.98 39.15
CA ASN D 191 -29.08 -2.58 40.03
C ASN D 191 -28.75 -1.08 40.00
N GLY D 192 -29.43 -0.31 39.16
CA GLY D 192 -29.11 1.10 39.04
C GLY D 192 -29.81 2.10 39.94
N ILE D 193 -29.78 3.35 39.49
CA ILE D 193 -30.41 4.44 40.20
C ILE D 193 -31.79 4.57 39.57
N LYS D 194 -32.77 3.92 40.20
CA LYS D 194 -34.12 3.92 39.65
C LYS D 194 -35.21 4.63 40.40
N TRP D 195 -36.20 5.05 39.63
CA TRP D 195 -37.38 5.75 40.12
C TRP D 195 -38.45 5.35 39.11
N ALA D 196 -39.04 4.18 39.37
CA ALA D 196 -40.07 3.58 38.48
C ALA D 196 -41.20 4.46 37.98
N ALA D 197 -41.87 5.18 38.88
CA ALA D 197 -42.96 6.02 38.47
C ALA D 197 -42.64 6.97 37.31
N TRP D 198 -41.35 7.27 37.10
CA TRP D 198 -40.97 8.17 36.01
C TRP D 198 -40.35 7.47 34.81
N LYS D 199 -39.27 6.72 35.04
CA LYS D 199 -38.58 6.02 33.94
C LYS D 199 -38.86 4.52 33.92
N GLY D 200 -39.66 4.05 34.87
CA GLY D 200 -39.96 2.63 34.96
C GLY D 200 -38.76 1.89 35.51
N SER D 201 -38.90 0.60 35.77
CA SER D 201 -37.81 -0.20 36.29
C SER D 201 -36.75 -0.38 35.19
N GLY D 202 -35.53 -0.69 35.59
CA GLY D 202 -34.51 -0.89 34.58
C GLY D 202 -33.69 0.35 34.26
N TYR D 203 -34.35 1.51 34.11
CA TYR D 203 -33.63 2.73 33.78
C TYR D 203 -32.78 3.23 34.95
N SER D 204 -31.54 3.62 34.66
CA SER D 204 -30.63 4.13 35.68
C SER D 204 -30.35 5.61 35.41
N LEU D 205 -30.86 6.47 36.28
CA LEU D 205 -30.74 7.92 36.14
C LEU D 205 -29.30 8.45 36.06
N LYS D 206 -29.17 9.69 35.58
CA LYS D 206 -27.88 10.34 35.44
C LYS D 206 -27.61 11.26 36.63
N ALA D 207 -28.67 11.84 37.21
CA ALA D 207 -28.50 12.70 38.36
C ALA D 207 -29.73 12.72 39.24
N THR D 208 -29.50 12.79 40.55
CA THR D 208 -30.58 12.83 41.48
C THR D 208 -30.22 13.75 42.63
N THR D 209 -31.24 14.27 43.29
CA THR D 209 -31.05 15.12 44.45
C THR D 209 -32.31 15.05 45.31
N MET D 210 -32.11 14.80 46.60
CA MET D 210 -33.21 14.72 47.53
C MET D 210 -33.03 15.91 48.47
N MET D 211 -34.12 16.63 48.71
CA MET D 211 -34.04 17.79 49.57
C MET D 211 -35.30 18.00 50.40
N ILE D 212 -35.12 18.66 51.53
CA ILE D 212 -36.21 18.92 52.44
C ILE D 212 -36.25 20.40 52.82
N ARG D 213 -37.42 20.85 53.23
CA ARG D 213 -37.65 22.22 53.67
C ARG D 213 -38.99 22.20 54.39
N PRO D 214 -39.12 22.96 55.47
CA PRO D 214 -40.41 22.94 56.16
C PRO D 214 -41.46 23.72 55.34
N ALA D 215 -42.71 23.73 55.80
CA ALA D 215 -43.75 24.49 55.10
C ALA D 215 -43.51 25.98 55.40
N ASP D 216 -42.63 26.62 54.64
CA ASP D 216 -42.31 28.04 54.81
C ASP D 216 -42.82 28.90 53.66
CA CA E . -37.74 -49.88 -16.75
CA CA F . -10.24 32.90 -19.89
CA CA G . 49.33 25.21 -23.54
CA CA H . -34.79 -9.31 53.82
#